data_9E4O
#
_entry.id   9E4O
#
_cell.length_a   1.00
_cell.length_b   1.00
_cell.length_c   1.00
_cell.angle_alpha   90.00
_cell.angle_beta   90.00
_cell.angle_gamma   90.00
#
_symmetry.space_group_name_H-M   'P 1'
#
loop_
_entity.id
_entity.type
_entity.pdbx_description
1 polymer 'Acetyl-coenzyme A carboxylase carboxyl transferase subunit alpha'
2 polymer 'Biotin carboxyl carrier protein of acetyl-CoA carboxylase'
3 polymer 'Biotin carboxylase'
4 polymer 'Acetyl-coenzyme A carboxylase carboxyl transferase subunit beta'
5 non-polymer BIOTIN
6 non-polymer "ADENOSINE-5'-DIPHOSPHATE"
7 non-polymer 'MAGNESIUM ION'
8 non-polymer 'ZINC ION'
9 non-polymer 'ACETYL COENZYME *A'
#
loop_
_entity_poly.entity_id
_entity_poly.type
_entity_poly.pdbx_seq_one_letter_code
_entity_poly.pdbx_strand_id
1 'polypeptide(L)'
;NFLDFEQPIAELEAKIDSLTAVSRQDEKLDINIDEEVHRLREKSVELTRKIFADLGAWQIAQLARHPQRPYTLDYVRLAF
DEFDELAGDRAYADDKAIVGGIARLDGRPVMIIGHQKGRETKEKIRRNFGMPAPEGYRKALRLMQMAERFKMPIITFIDT
PGAYPGVGAEERGQSEAIARNLREMSRLGVPVVCTVIGEGGSGGALAIGVGDKVNMLQYSTYSVISPEGCASILWKSADK
APLAAEAMGIIAPRLKELKLIDSIIPEPLGGAHRNPEAMAASLKAQLLADLADLDVLSTEDLKNRRYQRLMSYGYA
;
A
2 'polypeptide(L)' GHIVRSPMVGTFYRTPSPDAKAFIEVGQKVNVGDTLCIVEAMKMMNQIEADKSGTVKAILVESGQPVEFDEPLVVIE B
3 'polypeptide(L)'
;MLDKIVIANRGEIALRILRACKELGIKTVAVHSSADRDLKHVLLADETVCIGPAPSVKSYLNIPAIISAAEITGAVAIHP
GYGFLSENANFAEQVERSGFIFIGPKAETIRLMGDKVSAIAAMKKAGVPCVPGSDGPLGDDMDKNRAIAKRIGYPVIIKA
SGGGGGRGMRVVRGDAELAQSISMTRAEAKAAFSNDMVYMEKYLENPRHVEIQVLADGQGNAIYLAERDCSMQRRHQKVV
EEAPAPGITPELRRYIGERCAKACVDIGYRGAGTFEFLFENGEFYFIEMNTRIQVEHPVTEMITGVDLIKEQLRIAAGQP
LSIKQEEVHVRGHAVECRINAEDPNTFLPSPGKITRFHAPGGFGVRWESHIYAGYTVPPYYDSMIGKLICYGENRDVAIA
RMKNALQELIIDGIKTNVDLQIRIMNDENFQHGGTNIHYLEKKLGLQEK
;
C
4 'polypeptide(L)'
;SWIERIKSNITPTRKASIPEGVWTKCDSCGQVLYRAELERNLEVCPKCDHHMRMTARNRLHSLLDEGSLVELGSELEPKD
VLKFRDSKKYKDRLASAQKETGEKDALVVMKGTLYGMPVVAAAFEFAFMGGSMGSVVGARFVRAVEQALEDNCPLICFSA
SGGARMQEALMSLMQMAKTSAALAKMQERGLPYISVLTDPTMGGVSASFAMLGDLNIAEPKALIGFAGPRVIEQTVREKL
PPGFQRSEFLIEKGAIDMIVRRPEMRLKLASILAKLMNLPAPNP
;
D
#
loop_
_chem_comp.id
_chem_comp.type
_chem_comp.name
_chem_comp.formula
ACO non-polymer 'ACETYL COENZYME *A' 'C23 H38 N7 O17 P3 S'
ADP non-polymer ADENOSINE-5'-DIPHOSPHATE 'C10 H15 N5 O10 P2'
BTN non-polymer BIOTIN 'C10 H16 N2 O3 S'
MG non-polymer 'MAGNESIUM ION' 'Mg 2'
ZN non-polymer 'ZINC ION' 'Zn 2'
#
# COMPACT_ATOMS: atom_id res chain seq x y z
N ASN A 1 23.29 -18.45 47.04
CA ASN A 1 23.29 -16.99 46.87
C ASN A 1 21.90 -16.41 47.12
N PHE A 2 21.64 -16.03 48.36
CA PHE A 2 20.35 -15.49 48.75
C PHE A 2 20.17 -14.07 48.20
N LEU A 3 18.91 -13.64 48.11
CA LEU A 3 18.56 -12.37 47.51
C LEU A 3 18.93 -11.21 48.44
N ASP A 4 18.63 -9.99 47.98
CA ASP A 4 19.02 -8.80 48.72
C ASP A 4 18.31 -8.69 50.06
N PHE A 5 17.02 -8.99 50.10
CA PHE A 5 16.25 -8.88 51.33
C PHE A 5 16.45 -10.06 52.27
N GLU A 6 17.19 -11.08 51.83
CA GLU A 6 17.49 -12.25 52.66
C GLU A 6 18.86 -12.14 53.34
N GLN A 7 19.36 -10.91 53.47
CA GLN A 7 20.66 -10.61 54.10
C GLN A 7 20.71 -11.08 55.56
N PRO A 8 19.77 -10.70 56.47
CA PRO A 8 19.92 -11.07 57.86
C PRO A 8 20.03 -12.58 57.92
N ILE A 9 19.31 -13.26 57.04
CA ILE A 9 19.37 -14.74 56.99
C ILE A 9 20.81 -15.10 56.61
N ALA A 10 21.42 -14.37 55.69
CA ALA A 10 22.78 -14.71 55.20
C ALA A 10 23.82 -14.66 56.30
N GLU A 11 24.06 -13.47 56.86
CA GLU A 11 25.14 -13.28 57.86
C GLU A 11 25.03 -14.39 58.93
N LEU A 12 23.81 -14.71 59.38
CA LEU A 12 23.63 -15.79 60.39
C LEU A 12 24.13 -17.11 59.77
N GLU A 13 23.82 -17.32 58.50
CA GLU A 13 24.35 -18.51 57.78
C GLU A 13 25.88 -18.40 57.73
N ALA A 14 26.42 -17.20 57.50
CA ALA A 14 27.90 -17.06 57.35
C ALA A 14 28.61 -17.48 58.64
N LYS A 15 28.08 -17.10 59.81
CA LYS A 15 28.65 -17.55 61.10
C LYS A 15 28.52 -19.08 61.18
N ILE A 16 27.41 -19.63 60.71
CA ILE A 16 27.11 -21.09 60.85
C ILE A 16 28.14 -21.94 60.11
N ASP A 17 28.61 -21.52 58.94
CA ASP A 17 29.50 -22.39 58.13
C ASP A 17 30.77 -22.80 58.87
N SER A 18 31.49 -21.85 59.44
CA SER A 18 32.83 -22.14 60.03
C SER A 18 32.68 -23.01 61.28
N LEU A 19 31.45 -23.32 61.66
CA LEU A 19 31.24 -24.23 62.82
C LEU A 19 31.85 -25.59 62.45
N THR A 20 31.67 -26.03 61.21
CA THR A 20 32.25 -27.31 60.75
C THR A 20 33.76 -27.29 60.93
N ALA A 21 34.44 -26.22 60.49
CA ALA A 21 35.88 -26.14 60.60
C ALA A 21 36.34 -26.19 62.05
N VAL A 22 35.71 -25.37 62.90
CA VAL A 22 36.09 -25.26 64.32
C VAL A 22 35.98 -26.61 64.99
N SER A 23 35.16 -27.51 64.42
CA SER A 23 35.08 -28.86 64.95
C SER A 23 36.42 -29.60 64.92
N ARG A 24 37.19 -29.48 63.84
CA ARG A 24 38.46 -30.20 63.74
C ARG A 24 39.56 -29.39 63.03
N GLN A 25 39.48 -28.06 63.08
CA GLN A 25 40.38 -27.24 62.26
C GLN A 25 41.84 -27.44 62.65
N ASP A 26 42.21 -27.01 63.84
CA ASP A 26 43.62 -27.05 64.25
C ASP A 26 43.70 -26.75 65.75
N GLU A 27 44.89 -26.98 66.31
CA GLU A 27 45.19 -26.68 67.71
C GLU A 27 44.22 -27.38 68.66
N LYS A 28 43.89 -28.63 68.35
CA LYS A 28 42.98 -29.48 69.11
C LYS A 28 41.57 -28.95 69.20
N LEU A 29 41.21 -27.95 68.38
CA LEU A 29 39.92 -27.28 68.50
C LEU A 29 38.77 -28.21 68.18
N ASP A 30 38.04 -28.65 69.21
CA ASP A 30 36.77 -29.34 69.05
C ASP A 30 35.84 -28.80 70.15
N ILE A 31 35.16 -27.70 69.84
CA ILE A 31 34.33 -27.00 70.81
C ILE A 31 32.97 -27.68 70.91
N ASN A 32 32.16 -27.25 71.88
CA ASN A 32 30.82 -27.81 72.06
C ASN A 32 29.94 -27.34 70.90
N ILE A 33 30.10 -28.01 69.76
CA ILE A 33 29.47 -27.57 68.52
C ILE A 33 27.95 -27.57 68.63
N ASP A 34 27.40 -28.56 69.33
CA ASP A 34 25.95 -28.76 69.32
C ASP A 34 25.20 -27.56 69.90
N GLU A 35 25.69 -26.99 71.00
CA GLU A 35 24.99 -25.88 71.64
C GLU A 35 24.93 -24.66 70.72
N GLU A 36 26.07 -24.26 70.17
CA GLU A 36 26.12 -23.12 69.27
C GLU A 36 25.31 -23.37 68.01
N VAL A 37 25.38 -24.59 67.47
CA VAL A 37 24.60 -24.93 66.27
C VAL A 37 23.11 -24.79 66.56
N HIS A 38 22.67 -25.33 67.70
CA HIS A 38 21.25 -25.26 68.04
C HIS A 38 20.80 -23.81 68.21
N ARG A 39 21.58 -23.00 68.92
CA ARG A 39 21.18 -21.61 69.13
C ARG A 39 21.14 -20.83 67.82
N LEU A 40 22.17 -20.99 66.98
CA LEU A 40 22.22 -20.25 65.73
C LEU A 40 21.14 -20.71 64.76
N ARG A 41 20.85 -22.01 64.72
CA ARG A 41 19.75 -22.50 63.89
C ARG A 41 18.41 -21.98 64.39
N GLU A 42 18.21 -21.94 65.70
CA GLU A 42 17.01 -21.34 66.25
C GLU A 42 16.85 -19.90 65.79
N LYS A 43 17.92 -19.10 65.91
CA LYS A 43 17.85 -17.71 65.50
C LYS A 43 17.58 -17.58 64.01
N SER A 44 18.24 -18.42 63.19
CA SER A 44 18.03 -18.36 61.75
C SER A 44 16.60 -18.72 61.37
N VAL A 45 16.04 -19.75 62.01
CA VAL A 45 14.66 -20.14 61.72
C VAL A 45 13.70 -19.03 62.14
N GLU A 46 13.95 -18.40 63.29
CA GLU A 46 13.08 -17.31 63.72
C GLU A 46 13.14 -16.13 62.77
N LEU A 47 14.36 -15.83 62.30
CA LEU A 47 14.60 -14.64 61.43
C LEU A 47 13.98 -14.78 60.03
N THR A 48 13.94 -15.98 59.46
CA THR A 48 13.42 -16.15 58.08
C THR A 48 11.96 -15.75 58.07
N ARG A 49 11.21 -16.11 59.10
CA ARG A 49 9.80 -15.68 59.20
C ARG A 49 9.79 -14.16 59.29
N LYS A 50 10.74 -13.60 60.06
CA LYS A 50 10.84 -12.12 60.14
C LYS A 50 11.17 -11.57 58.74
N ILE A 51 11.67 -12.41 57.84
CA ILE A 51 12.07 -11.88 56.49
C ILE A 51 11.02 -12.20 55.42
N PHE A 52 10.43 -13.41 55.44
CA PHE A 52 9.52 -13.82 54.34
C PHE A 52 8.05 -13.56 54.65
N ALA A 53 7.75 -12.91 55.77
CA ALA A 53 6.37 -12.51 56.02
C ALA A 53 5.96 -11.29 55.20
N ASP A 54 6.88 -10.35 54.98
CA ASP A 54 6.56 -9.05 54.40
C ASP A 54 7.05 -8.89 52.96
N LEU A 55 7.00 -9.94 52.16
CA LEU A 55 7.34 -9.85 50.74
C LEU A 55 6.06 -9.73 49.91
N GLY A 56 6.14 -8.90 48.86
CA GLY A 56 4.97 -8.64 47.97
C GLY A 56 5.25 -9.03 46.53
N ALA A 57 4.46 -8.50 45.57
CA ALA A 57 4.57 -8.97 44.18
C ALA A 57 5.95 -8.68 43.55
N TRP A 58 6.55 -7.52 43.78
CA TRP A 58 7.86 -7.30 43.11
C TRP A 58 8.85 -8.32 43.65
N GLN A 59 8.80 -8.57 44.96
CA GLN A 59 9.68 -9.59 45.56
C GLN A 59 9.32 -10.95 44.95
N ILE A 60 8.06 -11.34 45.07
CA ILE A 60 7.66 -12.63 44.54
C ILE A 60 8.39 -12.90 43.23
N ALA A 61 8.43 -11.90 42.35
CA ALA A 61 9.14 -12.05 41.10
C ALA A 61 10.63 -12.32 41.35
N GLN A 62 11.24 -11.59 42.28
CA GLN A 62 12.63 -11.85 42.59
C GLN A 62 12.82 -13.27 43.11
N LEU A 63 11.93 -13.72 44.01
CA LEU A 63 12.03 -15.08 44.52
C LEU A 63 11.79 -16.09 43.40
N ALA A 64 10.83 -15.81 42.51
CA ALA A 64 10.61 -16.69 41.37
C ALA A 64 11.87 -16.82 40.53
N ARG A 65 12.80 -15.87 40.64
CA ARG A 65 14.07 -15.92 39.93
C ARG A 65 15.25 -16.12 40.87
N HIS A 66 15.02 -16.74 42.02
CA HIS A 66 16.13 -16.98 42.93
C HIS A 66 17.16 -17.87 42.25
N PRO A 67 18.44 -17.47 42.16
CA PRO A 67 19.41 -18.30 41.44
C PRO A 67 19.88 -19.48 42.27
N GLN A 68 18.92 -20.10 42.97
CA GLN A 68 19.14 -21.34 43.68
C GLN A 68 17.73 -21.91 43.86
N ARG A 69 17.37 -22.88 43.03
CA ARG A 69 15.97 -23.26 42.97
C ARG A 69 15.81 -24.58 42.22
N PRO A 70 14.73 -25.32 42.42
CA PRO A 70 14.52 -26.55 41.63
C PRO A 70 13.94 -26.23 40.26
N TYR A 71 14.65 -26.65 39.22
CA TYR A 71 14.14 -26.63 37.86
C TYR A 71 13.45 -27.96 37.57
N THR A 72 12.92 -28.11 36.36
CA THR A 72 12.19 -29.33 36.03
C THR A 72 13.02 -30.58 36.26
N LEU A 73 14.33 -30.52 35.98
CA LEU A 73 15.17 -31.66 36.31
C LEU A 73 15.08 -31.98 37.80
N ASP A 74 15.10 -30.96 38.65
CA ASP A 74 15.08 -31.19 40.08
C ASP A 74 13.77 -31.82 40.52
N TYR A 75 12.65 -31.32 40.02
CA TYR A 75 11.36 -31.91 40.41
C TYR A 75 11.23 -33.32 39.87
N VAL A 76 11.77 -33.58 38.68
CA VAL A 76 11.75 -34.93 38.14
C VAL A 76 12.52 -35.87 39.05
N ARG A 77 13.74 -35.48 39.42
CA ARG A 77 14.55 -36.33 40.28
C ARG A 77 13.88 -36.56 41.62
N LEU A 78 13.31 -35.52 42.22
CA LEU A 78 12.79 -35.61 43.58
C LEU A 78 11.33 -36.01 43.65
N ALA A 79 10.68 -36.28 42.53
CA ALA A 79 9.33 -36.83 42.58
C ALA A 79 9.04 -37.86 41.49
N PHE A 80 10.01 -38.22 40.66
CA PHE A 80 9.76 -39.13 39.55
C PHE A 80 10.91 -40.11 39.44
N ASP A 81 10.62 -41.28 38.87
CA ASP A 81 11.57 -42.38 38.80
C ASP A 81 11.44 -43.07 37.45
N GLU A 82 12.51 -43.76 37.05
CA GLU A 82 12.56 -44.42 35.75
C GLU A 82 12.36 -43.40 34.63
N PHE A 83 13.10 -42.30 34.72
CA PHE A 83 12.97 -41.18 33.80
C PHE A 83 13.80 -41.43 32.55
N ASP A 84 13.16 -41.33 31.38
CA ASP A 84 13.83 -41.50 30.09
C ASP A 84 13.64 -40.22 29.28
N GLU A 85 14.76 -39.59 28.95
CA GLU A 85 14.72 -38.31 28.24
C GLU A 85 14.76 -38.56 26.73
N LEU A 86 13.69 -38.15 26.05
CA LEU A 86 13.64 -38.16 24.58
C LEU A 86 14.03 -36.78 24.08
N ALA A 87 15.09 -36.71 23.28
CA ALA A 87 15.55 -35.45 22.70
C ALA A 87 15.53 -35.57 21.19
N GLY A 88 14.85 -34.62 20.55
CA GLY A 88 14.81 -34.57 19.10
C GLY A 88 13.45 -34.19 18.53
N ASP A 89 13.45 -33.11 17.73
CA ASP A 89 12.24 -32.66 17.06
C ASP A 89 11.93 -33.45 15.80
N ARG A 90 12.92 -34.15 15.25
CA ARG A 90 12.86 -34.89 13.99
C ARG A 90 13.08 -33.97 12.80
N ALA A 91 13.23 -32.66 13.00
CA ALA A 91 13.32 -31.74 11.88
C ALA A 91 14.68 -31.06 11.78
N TYR A 92 15.13 -30.35 12.82
CA TYR A 92 16.33 -29.54 12.67
C TYR A 92 17.24 -29.55 13.89
N ALA A 93 16.72 -29.84 15.07
CA ALA A 93 17.56 -29.95 16.25
C ALA A 93 16.69 -30.32 17.44
N ASP A 94 17.34 -30.85 18.47
CA ASP A 94 16.77 -30.91 19.81
C ASP A 94 17.27 -29.67 20.55
N ASP A 95 16.43 -29.14 21.43
CA ASP A 95 16.71 -27.88 22.10
C ASP A 95 16.95 -28.12 23.58
N LYS A 96 17.97 -27.45 24.13
CA LYS A 96 18.31 -27.61 25.52
C LYS A 96 17.45 -26.74 26.44
N ALA A 97 16.74 -25.76 25.89
CA ALA A 97 15.86 -24.96 26.72
C ALA A 97 14.58 -25.68 27.08
N ILE A 98 14.31 -26.82 26.46
CA ILE A 98 13.23 -27.69 26.86
C ILE A 98 13.79 -29.09 27.04
N VAL A 99 13.35 -29.76 28.10
CA VAL A 99 13.68 -31.15 28.38
C VAL A 99 12.38 -31.91 28.54
N GLY A 100 12.22 -32.97 27.75
CA GLY A 100 11.06 -33.82 27.85
C GLY A 100 11.50 -35.25 28.08
N GLY A 101 10.52 -36.09 28.41
CA GLY A 101 10.82 -37.48 28.64
C GLY A 101 9.60 -38.22 29.12
N ILE A 102 9.76 -39.54 29.25
CA ILE A 102 8.72 -40.43 29.72
C ILE A 102 9.24 -41.12 30.98
N ALA A 103 8.45 -41.05 32.06
CA ALA A 103 8.86 -41.55 33.35
C ALA A 103 7.67 -42.20 34.03
N ARG A 104 7.89 -42.71 35.25
CA ARG A 104 6.84 -43.31 36.05
C ARG A 104 6.54 -42.45 37.26
N LEU A 105 5.27 -42.35 37.60
CA LEU A 105 4.81 -41.66 38.80
C LEU A 105 4.08 -42.69 39.65
N ASP A 106 4.73 -43.11 40.74
CA ASP A 106 4.18 -44.13 41.63
C ASP A 106 3.67 -45.33 40.83
N GLY A 107 4.56 -45.88 40.00
CA GLY A 107 4.21 -46.98 39.14
C GLY A 107 3.60 -46.52 37.84
N ARG A 108 2.68 -45.57 37.91
CA ARG A 108 1.99 -45.12 36.71
C ARG A 108 2.98 -44.48 35.75
N PRO A 109 2.87 -44.72 34.45
CA PRO A 109 3.74 -44.04 33.48
C PRO A 109 3.15 -42.70 33.08
N VAL A 110 4.03 -41.73 32.88
CA VAL A 110 3.62 -40.37 32.52
C VAL A 110 4.62 -39.78 31.54
N MET A 111 4.26 -38.63 30.99
CA MET A 111 5.13 -37.82 30.16
C MET A 111 5.42 -36.52 30.89
N ILE A 112 6.68 -36.09 30.85
CA ILE A 112 7.11 -34.87 31.55
C ILE A 112 7.73 -33.95 30.51
N ILE A 113 7.17 -32.76 30.38
CA ILE A 113 7.69 -31.72 29.49
C ILE A 113 7.82 -30.44 30.28
N GLY A 114 8.96 -29.78 30.15
CA GLY A 114 9.19 -28.56 30.89
C GLY A 114 10.55 -28.00 30.54
N HIS A 115 10.86 -26.86 31.13
CA HIS A 115 12.08 -26.14 30.82
C HIS A 115 13.14 -26.39 31.88
N GLN A 116 14.36 -25.98 31.58
CA GLN A 116 15.51 -26.23 32.46
C GLN A 116 16.50 -25.09 32.26
N LYS A 117 16.52 -24.14 33.18
CA LYS A 117 17.37 -22.97 33.05
C LYS A 117 18.85 -23.29 33.18
N GLY A 118 19.20 -24.49 33.62
CA GLY A 118 20.58 -24.78 33.95
C GLY A 118 20.95 -24.16 35.28
N ARG A 119 21.84 -24.80 36.03
CA ARG A 119 22.12 -24.28 37.39
C ARG A 119 23.08 -23.10 37.32
N GLU A 120 24.33 -23.36 36.94
CA GLU A 120 25.35 -22.33 36.97
C GLU A 120 25.41 -21.62 35.62
N THR A 121 26.45 -20.78 35.44
CA THR A 121 26.58 -20.03 34.19
C THR A 121 26.72 -20.97 33.00
N LYS A 122 27.53 -22.03 33.13
CA LYS A 122 27.78 -22.90 32.00
C LYS A 122 26.50 -23.57 31.51
N GLU A 123 25.76 -24.18 32.43
CA GLU A 123 24.52 -24.85 32.02
C GLU A 123 23.42 -23.85 31.73
N LYS A 124 23.60 -22.60 32.13
CA LYS A 124 22.65 -21.57 31.73
C LYS A 124 22.86 -21.16 30.27
N ILE A 125 24.11 -20.98 29.86
CA ILE A 125 24.35 -20.63 28.46
C ILE A 125 24.16 -21.82 27.55
N ARG A 126 24.43 -23.04 28.04
CA ARG A 126 24.20 -24.21 27.21
C ARG A 126 22.72 -24.47 26.97
N ARG A 127 21.84 -23.99 27.85
CA ARG A 127 20.41 -24.18 27.70
C ARG A 127 19.68 -22.91 27.32
N ASN A 128 20.42 -21.86 26.96
CA ASN A 128 19.82 -20.60 26.51
C ASN A 128 18.80 -20.08 27.53
N PHE A 129 19.22 -20.02 28.79
CA PHE A 129 18.43 -19.41 29.85
C PHE A 129 16.97 -19.89 29.79
N GLY A 130 16.79 -21.17 29.48
CA GLY A 130 15.46 -21.71 29.37
C GLY A 130 14.62 -21.07 28.30
N MET A 131 15.25 -20.43 27.31
CA MET A 131 14.51 -19.81 26.22
C MET A 131 14.46 -20.77 25.03
N PRO A 132 13.29 -21.32 24.70
CA PRO A 132 13.23 -22.31 23.63
C PRO A 132 13.08 -21.73 22.24
N ALA A 133 13.96 -22.13 21.32
CA ALA A 133 13.70 -21.93 19.91
C ALA A 133 12.54 -22.83 19.49
N PRO A 134 11.86 -22.51 18.40
CA PRO A 134 10.63 -23.24 18.05
C PRO A 134 10.82 -24.74 17.94
N GLU A 135 11.96 -25.19 17.41
CA GLU A 135 12.18 -26.63 17.28
C GLU A 135 11.88 -27.34 18.59
N GLY A 136 12.17 -26.69 19.71
CA GLY A 136 11.79 -27.24 21.00
C GLY A 136 10.29 -27.46 21.10
N TYR A 137 9.51 -26.49 20.67
CA TYR A 137 8.06 -26.65 20.80
C TYR A 137 7.54 -27.68 19.82
N ARG A 138 8.18 -27.82 18.66
CA ARG A 138 7.81 -28.91 17.77
C ARG A 138 8.08 -30.25 18.45
N LYS A 139 9.22 -30.36 19.12
CA LYS A 139 9.51 -31.56 19.89
C LYS A 139 8.44 -31.80 20.95
N ALA A 140 8.02 -30.74 21.64
CA ALA A 140 7.00 -30.90 22.67
C ALA A 140 5.69 -31.37 22.08
N LEU A 141 5.32 -30.84 20.90
CA LEU A 141 4.14 -31.36 20.21
C LEU A 141 4.31 -32.83 19.90
N ARG A 142 5.48 -33.22 19.40
CA ARG A 142 5.69 -34.61 19.03
C ARG A 142 5.52 -35.53 20.24
N LEU A 143 6.12 -35.14 21.36
CA LEU A 143 5.98 -35.93 22.57
C LEU A 143 4.54 -35.97 23.04
N MET A 144 3.84 -34.83 22.97
CA MET A 144 2.46 -34.80 23.43
C MET A 144 1.59 -35.71 22.58
N GLN A 145 1.84 -35.75 21.27
CA GLN A 145 1.11 -36.69 20.42
C GLN A 145 1.42 -38.12 20.82
N MET A 146 2.69 -38.42 21.05
CA MET A 146 3.06 -39.77 21.45
C MET A 146 2.32 -40.17 22.73
N ALA A 147 2.30 -39.28 23.71
CA ALA A 147 1.61 -39.56 24.97
C ALA A 147 0.12 -39.76 24.73
N GLU A 148 -0.48 -38.94 23.88
CA GLU A 148 -1.90 -39.12 23.58
C GLU A 148 -2.17 -40.49 22.98
N ARG A 149 -1.29 -40.93 22.07
CA ARG A 149 -1.57 -42.15 21.32
C ARG A 149 -1.68 -43.36 22.25
N PHE A 150 -0.76 -43.50 23.18
CA PHE A 150 -0.72 -44.65 24.09
C PHE A 150 -1.40 -44.36 25.42
N LYS A 151 -2.61 -43.82 25.38
CA LYS A 151 -3.49 -43.69 26.56
C LYS A 151 -2.70 -43.34 27.82
N MET A 152 -1.80 -42.37 27.69
CA MET A 152 -0.90 -42.00 28.76
C MET A 152 -1.19 -40.58 29.24
N PRO A 153 -1.30 -40.32 30.59
CA PRO A 153 -1.48 -38.94 31.08
C PRO A 153 -0.24 -38.08 30.87
N ILE A 154 -0.45 -36.77 30.82
CA ILE A 154 0.69 -35.84 30.57
C ILE A 154 0.88 -34.92 31.78
N ILE A 155 2.09 -34.86 32.33
CA ILE A 155 2.38 -33.92 33.44
C ILE A 155 3.34 -32.87 32.87
N THR A 156 2.99 -31.59 32.99
CA THR A 156 3.87 -30.61 32.34
C THR A 156 4.34 -29.60 33.35
N PHE A 157 5.62 -29.25 33.30
CA PHE A 157 6.10 -28.18 34.23
C PHE A 157 6.37 -26.96 33.36
N ILE A 158 6.21 -25.75 33.91
CA ILE A 158 6.37 -24.54 33.04
C ILE A 158 7.30 -23.54 33.74
N ASP A 159 8.54 -23.38 33.24
CA ASP A 159 9.53 -22.49 33.91
C ASP A 159 10.35 -21.80 32.82
N THR A 160 9.74 -20.86 32.10
CA THR A 160 10.47 -20.22 30.98
C THR A 160 10.40 -18.72 31.01
N PRO A 161 11.51 -18.00 30.79
CA PRO A 161 11.47 -16.53 30.63
C PRO A 161 10.64 -16.22 29.40
N GLY A 162 10.81 -17.01 28.32
CA GLY A 162 9.96 -16.82 27.13
C GLY A 162 10.55 -17.41 25.86
N ALA A 163 9.79 -17.38 24.75
CA ALA A 163 10.38 -17.86 23.51
C ALA A 163 11.49 -16.93 23.06
N TYR A 164 12.57 -17.52 22.57
CA TYR A 164 13.78 -16.76 22.33
C TYR A 164 13.52 -15.64 21.33
N PRO A 165 13.89 -14.40 21.64
CA PRO A 165 13.77 -13.30 20.66
C PRO A 165 15.04 -13.15 19.82
N GLY A 166 15.22 -14.07 18.88
CA GLY A 166 16.42 -14.09 18.07
C GLY A 166 16.17 -14.37 16.60
N VAL A 167 17.18 -14.11 15.78
CA VAL A 167 17.04 -14.31 14.34
C VAL A 167 16.65 -15.75 14.05
N GLY A 168 17.40 -16.69 14.61
CA GLY A 168 17.14 -18.09 14.33
C GLY A 168 15.76 -18.53 14.80
N ALA A 169 15.30 -17.98 15.91
CA ALA A 169 13.99 -18.36 16.44
C ALA A 169 12.87 -17.82 15.58
N GLU A 170 13.03 -16.59 15.10
CA GLU A 170 11.96 -15.98 14.27
C GLU A 170 11.95 -16.64 12.89
N GLU A 171 13.11 -17.00 12.35
CA GLU A 171 13.14 -17.50 10.99
C GLU A 171 12.36 -18.80 10.85
N ARG A 172 12.35 -19.63 11.89
CA ARG A 172 11.83 -20.98 11.80
C ARG A 172 10.38 -21.10 12.23
N GLY A 173 9.59 -20.04 12.06
CA GLY A 173 8.16 -20.14 12.27
C GLY A 173 7.72 -20.11 13.72
N GLN A 174 8.50 -19.47 14.59
CA GLN A 174 8.16 -19.38 16.00
C GLN A 174 6.67 -19.26 16.21
N SER A 175 6.08 -18.27 15.57
CA SER A 175 4.64 -18.07 15.69
C SER A 175 3.89 -19.30 15.20
N GLU A 176 4.33 -19.87 14.08
CA GLU A 176 3.63 -21.02 13.53
C GLU A 176 3.69 -22.20 14.50
N ALA A 177 4.89 -22.49 15.03
CA ALA A 177 5.05 -23.63 15.91
C ALA A 177 4.18 -23.48 17.15
N ILE A 178 4.20 -22.29 17.76
CA ILE A 178 3.43 -22.11 18.98
C ILE A 178 1.94 -22.19 18.67
N ALA A 179 1.51 -21.70 17.50
CA ALA A 179 0.12 -21.82 17.13
C ALA A 179 -0.29 -23.28 17.03
N ARG A 180 0.54 -24.09 16.36
CA ARG A 180 0.21 -25.50 16.24
C ARG A 180 0.14 -26.16 17.61
N ASN A 181 1.14 -25.90 18.46
CA ASN A 181 1.13 -26.43 19.81
C ASN A 181 -0.19 -26.12 20.49
N LEU A 182 -0.59 -24.84 20.46
CA LEU A 182 -1.83 -24.46 21.11
C LEU A 182 -3.03 -25.10 20.44
N ARG A 183 -2.88 -25.57 19.20
CA ARG A 183 -4.02 -26.22 18.55
C ARG A 183 -4.13 -27.68 18.97
N GLU A 184 -3.02 -28.42 18.89
CA GLU A 184 -3.10 -29.86 19.16
C GLU A 184 -3.43 -30.16 20.61
N MET A 185 -2.73 -29.52 21.55
CA MET A 185 -2.95 -29.80 22.96
C MET A 185 -4.41 -29.69 23.35
N SER A 186 -5.21 -28.94 22.59
CA SER A 186 -6.62 -28.79 22.86
C SER A 186 -7.48 -29.87 22.21
N ARG A 187 -6.87 -30.99 21.81
CA ARG A 187 -7.62 -32.11 21.26
C ARG A 187 -7.14 -33.47 21.77
N LEU A 188 -6.13 -33.52 22.62
CA LEU A 188 -5.63 -34.80 23.10
C LEU A 188 -6.72 -35.52 23.88
N GLY A 189 -6.73 -36.84 23.79
CA GLY A 189 -7.71 -37.66 24.48
C GLY A 189 -7.23 -38.14 25.85
N VAL A 190 -6.23 -37.47 26.40
CA VAL A 190 -5.65 -37.86 27.67
C VAL A 190 -5.64 -36.64 28.59
N PRO A 191 -5.80 -36.83 29.90
CA PRO A 191 -5.80 -35.67 30.81
C PRO A 191 -4.46 -34.96 30.80
N VAL A 192 -4.50 -33.66 31.10
CA VAL A 192 -3.32 -32.82 31.10
C VAL A 192 -3.31 -31.99 32.39
N VAL A 193 -2.17 -31.97 33.06
CA VAL A 193 -1.96 -31.18 34.26
C VAL A 193 -0.70 -30.36 34.04
N CYS A 194 -0.73 -29.08 34.44
CA CYS A 194 0.37 -28.17 34.17
C CYS A 194 0.58 -27.24 35.36
N THR A 195 1.76 -27.30 35.94
CA THR A 195 2.16 -26.40 37.00
C THR A 195 2.79 -25.14 36.42
N VAL A 196 3.16 -24.22 37.31
CA VAL A 196 3.81 -22.98 36.93
C VAL A 196 5.06 -22.78 37.77
N ILE A 197 5.72 -23.88 38.13
CA ILE A 197 6.90 -23.81 38.97
C ILE A 197 7.86 -22.75 38.43
N GLY A 198 8.55 -22.06 39.32
CA GLY A 198 9.51 -21.07 38.87
C GLY A 198 8.84 -19.92 38.14
N GLU A 199 9.63 -19.25 37.33
CA GLU A 199 9.18 -18.07 36.58
C GLU A 199 8.74 -18.49 35.19
N GLY A 200 7.50 -18.15 34.83
CA GLY A 200 6.98 -18.50 33.52
C GLY A 200 6.02 -17.46 33.01
N GLY A 201 5.73 -17.54 31.72
CA GLY A 201 4.79 -16.64 31.09
C GLY A 201 5.30 -16.19 29.74
N SER A 202 4.73 -15.08 29.26
CA SER A 202 5.11 -14.50 27.98
C SER A 202 4.64 -15.34 26.81
N GLY A 203 3.46 -15.94 26.92
CA GLY A 203 2.89 -16.69 25.80
C GLY A 203 3.59 -17.96 25.44
N GLY A 204 4.88 -17.89 25.10
CA GLY A 204 5.61 -19.11 24.78
C GLY A 204 5.45 -20.15 25.87
N ALA A 205 5.33 -19.72 27.12
CA ALA A 205 5.05 -20.64 28.21
C ALA A 205 3.75 -21.39 27.98
N LEU A 206 2.74 -20.72 27.41
CA LEU A 206 1.45 -21.38 27.21
C LEU A 206 1.53 -22.53 26.21
N ALA A 207 2.63 -22.63 25.47
CA ALA A 207 2.73 -23.67 24.45
C ALA A 207 2.56 -25.07 25.02
N ILE A 208 2.79 -25.25 26.32
CA ILE A 208 2.72 -26.56 26.96
C ILE A 208 1.86 -26.48 28.21
N GLY A 209 0.97 -25.51 28.26
CA GLY A 209 0.22 -25.24 29.48
C GLY A 209 -1.29 -25.21 29.32
N VAL A 210 -1.80 -25.78 28.24
CA VAL A 210 -3.23 -25.78 27.95
C VAL A 210 -3.75 -27.16 28.34
N GLY A 211 -4.27 -27.28 29.57
CA GLY A 211 -4.68 -28.57 30.08
C GLY A 211 -5.91 -28.46 30.95
N ASP A 212 -6.31 -29.62 31.48
CA ASP A 212 -7.50 -29.70 32.32
C ASP A 212 -7.31 -28.90 33.60
N LYS A 213 -6.14 -28.98 34.22
CA LYS A 213 -5.85 -28.31 35.47
C LYS A 213 -4.63 -27.42 35.31
N VAL A 214 -4.52 -26.42 36.17
CA VAL A 214 -3.38 -25.53 36.22
C VAL A 214 -3.05 -25.27 37.69
N ASN A 215 -1.77 -25.30 38.03
CA ASN A 215 -1.33 -25.13 39.40
C ASN A 215 -0.10 -24.23 39.41
N MET A 216 0.11 -23.54 40.53
CA MET A 216 1.19 -22.58 40.64
C MET A 216 1.70 -22.53 42.07
N LEU A 217 3.01 -22.36 42.23
CA LEU A 217 3.59 -22.19 43.54
C LEU A 217 3.13 -20.86 44.14
N GLN A 218 3.61 -20.59 45.35
CA GLN A 218 3.24 -19.35 46.01
C GLN A 218 4.15 -18.19 45.62
N TYR A 219 5.29 -18.45 45.01
CA TYR A 219 6.23 -17.43 44.56
C TYR A 219 6.57 -17.60 43.09
N SER A 220 5.57 -17.83 42.26
CA SER A 220 5.75 -18.02 40.82
C SER A 220 4.89 -17.03 40.06
N THR A 221 5.52 -16.29 39.15
CA THR A 221 4.86 -15.24 38.39
C THR A 221 4.51 -15.73 36.99
N TYR A 222 3.27 -15.49 36.58
CA TYR A 222 2.76 -15.95 35.27
C TYR A 222 2.22 -14.72 34.55
N SER A 223 3.12 -14.02 33.87
CA SER A 223 2.73 -12.72 33.26
C SER A 223 2.76 -12.76 31.73
N VAL A 224 1.72 -12.25 31.08
CA VAL A 224 1.68 -12.19 29.59
C VAL A 224 2.95 -11.46 29.10
N ILE A 225 3.58 -10.67 29.98
CA ILE A 225 4.81 -9.90 29.62
C ILE A 225 5.65 -9.72 30.89
N SER A 226 6.99 -9.82 30.80
CA SER A 226 7.78 -9.59 32.00
C SER A 226 7.48 -8.21 32.57
N PRO A 227 7.58 -8.03 33.89
CA PRO A 227 7.34 -6.70 34.46
C PRO A 227 8.21 -5.63 33.83
N GLU A 228 9.47 -5.97 33.52
CA GLU A 228 10.36 -4.98 32.93
C GLU A 228 9.89 -4.54 31.56
N GLY A 229 9.38 -5.47 30.76
CA GLY A 229 8.85 -5.08 29.46
C GLY A 229 7.65 -4.18 29.59
N CYS A 230 6.71 -4.54 30.46
CA CYS A 230 5.55 -3.69 30.66
C CYS A 230 5.98 -2.32 31.13
N ALA A 231 6.97 -2.26 32.02
CA ALA A 231 7.48 -0.99 32.50
C ALA A 231 8.04 -0.17 31.34
N SER A 232 8.89 -0.78 30.51
CA SER A 232 9.50 -0.02 29.43
C SER A 232 8.45 0.52 28.47
N ILE A 233 7.51 -0.32 28.03
CA ILE A 233 6.52 0.13 27.06
C ILE A 233 5.58 1.16 27.69
N LEU A 234 5.03 0.89 28.87
CA LEU A 234 3.99 1.73 29.42
C LEU A 234 4.53 2.82 30.35
N TRP A 235 5.25 2.43 31.39
CA TRP A 235 5.81 3.40 32.33
C TRP A 235 6.89 4.26 31.68
N LYS A 236 7.36 3.91 30.49
CA LYS A 236 8.42 4.65 29.82
C LYS A 236 9.72 4.59 30.61
N SER A 237 9.92 3.50 31.35
CA SER A 237 11.12 3.33 32.14
C SER A 237 11.25 1.86 32.52
N ALA A 238 12.38 1.53 33.14
CA ALA A 238 12.64 0.18 33.64
C ALA A 238 12.57 0.09 35.15
N ASP A 239 13.04 1.12 35.85
CA ASP A 239 13.05 1.10 37.30
C ASP A 239 11.67 0.89 37.89
N LYS A 240 10.61 1.29 37.17
CA LYS A 240 9.25 1.20 37.67
C LYS A 240 8.64 -0.18 37.44
N ALA A 241 9.46 -1.21 37.27
CA ALA A 241 8.97 -2.58 37.17
C ALA A 241 8.07 -2.97 38.33
N PRO A 242 8.41 -2.70 39.59
CA PRO A 242 7.52 -3.14 40.68
C PRO A 242 6.10 -2.63 40.55
N LEU A 243 5.93 -1.40 40.08
CA LEU A 243 4.59 -0.89 39.85
C LEU A 243 3.86 -1.72 38.79
N ALA A 244 4.57 -2.08 37.73
CA ALA A 244 3.97 -2.93 36.71
C ALA A 244 3.57 -4.28 37.29
N ALA A 245 4.43 -4.87 38.13
CA ALA A 245 4.09 -6.14 38.74
C ALA A 245 2.84 -6.01 39.61
N GLU A 246 2.78 -4.94 40.40
CA GLU A 246 1.61 -4.72 41.25
C GLU A 246 0.34 -4.58 40.41
N ALA A 247 0.43 -3.83 39.31
CA ALA A 247 -0.76 -3.57 38.50
C ALA A 247 -1.22 -4.83 37.76
N MET A 248 -0.27 -5.55 37.15
CA MET A 248 -0.65 -6.62 36.23
C MET A 248 -1.44 -7.71 36.95
N GLY A 249 -1.00 -8.10 38.13
CA GLY A 249 -1.58 -9.27 38.79
C GLY A 249 -0.88 -10.54 38.39
N ILE A 250 0.42 -10.60 38.64
CA ILE A 250 1.24 -11.74 38.25
C ILE A 250 1.42 -12.75 39.38
N ILE A 251 0.94 -12.45 40.60
CA ILE A 251 1.14 -13.31 41.76
C ILE A 251 0.04 -14.36 41.80
N ALA A 252 0.38 -15.54 42.31
CA ALA A 252 -0.55 -16.67 42.27
C ALA A 252 -1.88 -16.35 42.92
N PRO A 253 -1.96 -15.86 44.15
CA PRO A 253 -3.28 -15.60 44.75
C PRO A 253 -4.10 -14.61 43.94
N ARG A 254 -3.45 -13.59 43.38
CA ARG A 254 -4.16 -12.66 42.51
C ARG A 254 -4.74 -13.39 41.31
N LEU A 255 -3.97 -14.30 40.72
CA LEU A 255 -4.49 -15.08 39.60
C LEU A 255 -5.54 -16.08 40.07
N LYS A 256 -5.35 -16.65 41.26
CA LYS A 256 -6.27 -17.67 41.74
C LYS A 256 -7.71 -17.18 41.69
N GLU A 257 -7.96 -16.00 42.25
CA GLU A 257 -9.31 -15.44 42.22
C GLU A 257 -9.83 -15.27 40.81
N LEU A 258 -8.95 -15.13 39.83
CA LEU A 258 -9.35 -14.91 38.44
C LEU A 258 -9.85 -16.18 37.76
N LYS A 259 -10.00 -17.29 38.49
CA LYS A 259 -10.49 -18.54 37.92
C LYS A 259 -9.52 -19.06 36.85
N LEU A 260 -8.28 -18.58 36.88
CA LEU A 260 -7.28 -18.96 35.88
C LEU A 260 -6.52 -20.21 36.26
N ILE A 261 -6.24 -20.40 37.55
CA ILE A 261 -5.47 -21.53 38.04
C ILE A 261 -6.30 -22.27 39.07
N ASP A 262 -6.11 -23.58 39.14
CA ASP A 262 -6.99 -24.44 39.92
C ASP A 262 -6.49 -24.70 41.34
N SER A 263 -5.22 -24.40 41.63
CA SER A 263 -4.71 -24.64 42.97
C SER A 263 -3.30 -24.06 43.09
N ILE A 264 -2.96 -23.66 44.31
CA ILE A 264 -1.61 -23.23 44.66
C ILE A 264 -1.02 -24.26 45.60
N ILE A 265 0.21 -24.67 45.30
CA ILE A 265 0.92 -25.65 46.12
C ILE A 265 1.77 -24.87 47.13
N PRO A 266 1.48 -24.94 48.42
CA PRO A 266 2.26 -24.14 49.38
C PRO A 266 3.72 -24.56 49.41
N GLU A 267 4.58 -23.61 49.70
CA GLU A 267 6.02 -23.79 49.66
C GLU A 267 6.57 -24.03 51.06
N PRO A 268 7.73 -24.66 51.17
CA PRO A 268 8.48 -24.60 52.42
C PRO A 268 8.90 -23.17 52.74
N LEU A 269 9.03 -22.88 54.03
CA LEU A 269 9.34 -21.53 54.46
C LEU A 269 10.62 -21.03 53.81
N GLY A 270 10.67 -19.71 53.58
CA GLY A 270 11.84 -19.11 52.99
C GLY A 270 12.02 -19.38 51.51
N GLY A 271 11.03 -19.99 50.88
CA GLY A 271 11.14 -20.40 49.49
C GLY A 271 11.41 -21.88 49.37
N ALA A 272 10.91 -22.47 48.28
CA ALA A 272 11.09 -23.90 48.07
C ALA A 272 12.57 -24.27 48.00
N HIS A 273 13.44 -23.32 47.68
CA HIS A 273 14.86 -23.62 47.57
C HIS A 273 15.49 -24.10 48.88
N ARG A 274 14.89 -23.73 50.02
CA ARG A 274 15.48 -24.11 51.33
C ARG A 274 15.19 -25.60 51.60
N ASN A 275 14.04 -26.09 51.15
CA ASN A 275 13.65 -27.49 51.32
C ASN A 275 13.13 -28.04 50.00
N PRO A 276 14.02 -28.26 49.03
CA PRO A 276 13.56 -28.80 47.74
C PRO A 276 12.84 -30.12 47.87
N GLU A 277 13.22 -30.97 48.82
CA GLU A 277 12.54 -32.24 49.00
C GLU A 277 11.08 -32.04 49.41
N ALA A 278 10.85 -31.13 50.35
CA ALA A 278 9.48 -30.86 50.78
C ALA A 278 8.65 -30.34 49.62
N MET A 279 9.22 -29.44 48.82
CA MET A 279 8.50 -28.93 47.67
C MET A 279 8.20 -30.05 46.69
N ALA A 280 9.16 -30.94 46.47
CA ALA A 280 8.93 -32.06 45.55
C ALA A 280 7.81 -32.95 46.06
N ALA A 281 7.79 -33.23 47.36
CA ALA A 281 6.72 -34.04 47.93
C ALA A 281 5.37 -33.36 47.76
N SER A 282 5.31 -32.06 48.05
CA SER A 282 4.06 -31.33 47.89
C SER A 282 3.59 -31.38 46.44
N LEU A 283 4.52 -31.17 45.51
CA LEU A 283 4.16 -31.20 44.10
C LEU A 283 3.66 -32.58 43.70
N LYS A 284 4.32 -33.63 44.18
CA LYS A 284 3.91 -34.99 43.82
C LYS A 284 2.51 -35.27 44.35
N ALA A 285 2.23 -34.86 45.59
CA ALA A 285 0.90 -35.04 46.14
C ALA A 285 -0.14 -34.29 45.32
N GLN A 286 0.15 -33.04 44.97
CA GLN A 286 -0.81 -32.26 44.19
C GLN A 286 -1.04 -32.89 42.83
N LEU A 287 0.02 -33.35 42.17
CA LEU A 287 -0.12 -33.98 40.86
C LEU A 287 -0.97 -35.24 40.96
N LEU A 288 -0.70 -36.07 41.96
CA LEU A 288 -1.46 -37.31 42.10
C LEU A 288 -2.94 -37.02 42.40
N ALA A 289 -3.21 -36.05 43.27
CA ALA A 289 -4.59 -35.69 43.55
C ALA A 289 -5.27 -35.18 42.29
N ASP A 290 -4.58 -34.35 41.52
CA ASP A 290 -5.16 -33.81 40.29
C ASP A 290 -5.50 -34.94 39.32
N LEU A 291 -4.57 -35.88 39.15
CA LEU A 291 -4.81 -36.99 38.24
C LEU A 291 -5.98 -37.84 38.72
N ALA A 292 -6.09 -38.06 40.03
CA ALA A 292 -7.10 -38.95 40.56
C ALA A 292 -8.50 -38.53 40.12
N ASP A 293 -8.95 -37.36 40.60
CA ASP A 293 -10.29 -36.88 40.26
C ASP A 293 -10.44 -36.59 38.77
N LEU A 294 -9.39 -36.73 37.98
CA LEU A 294 -9.45 -36.53 36.54
C LEU A 294 -9.72 -37.82 35.78
N ASP A 295 -9.15 -38.93 36.24
CA ASP A 295 -9.28 -40.19 35.50
C ASP A 295 -10.69 -40.72 35.52
N VAL A 296 -11.54 -40.25 36.45
CA VAL A 296 -12.91 -40.71 36.51
C VAL A 296 -13.63 -40.39 35.20
N LEU A 297 -13.39 -39.20 34.66
CA LEU A 297 -14.06 -38.78 33.44
C LEU A 297 -13.53 -39.53 32.23
N SER A 298 -14.41 -39.86 31.30
CA SER A 298 -14.01 -40.55 30.08
C SER A 298 -13.34 -39.58 29.12
N THR A 299 -12.74 -40.12 28.06
CA THR A 299 -11.97 -39.30 27.12
C THR A 299 -12.86 -38.25 26.46
N GLU A 300 -14.02 -38.65 25.97
CA GLU A 300 -14.92 -37.69 25.33
C GLU A 300 -15.36 -36.62 26.32
N ASP A 301 -15.77 -37.03 27.51
CA ASP A 301 -16.13 -36.05 28.54
C ASP A 301 -14.93 -35.23 28.95
N LEU A 302 -13.74 -35.83 28.96
CA LEU A 302 -12.53 -35.09 29.28
C LEU A 302 -12.33 -33.94 28.29
N LYS A 303 -12.39 -34.25 27.00
CA LYS A 303 -12.19 -33.22 25.98
C LYS A 303 -13.29 -32.17 26.02
N ASN A 304 -14.54 -32.60 26.23
CA ASN A 304 -15.63 -31.66 26.32
C ASN A 304 -15.43 -30.71 27.49
N ARG A 305 -15.05 -31.25 28.65
CA ARG A 305 -14.78 -30.40 29.81
C ARG A 305 -13.64 -29.44 29.52
N ARG A 306 -12.58 -29.94 28.88
CA ARG A 306 -11.46 -29.08 28.55
C ARG A 306 -11.90 -27.92 27.68
N TYR A 307 -12.68 -28.22 26.64
CA TYR A 307 -13.17 -27.16 25.75
C TYR A 307 -14.02 -26.17 26.52
N GLN A 308 -14.92 -26.67 27.37
CA GLN A 308 -15.81 -25.78 28.11
C GLN A 308 -15.01 -24.86 29.02
N ARG A 309 -14.00 -25.39 29.71
CA ARG A 309 -13.18 -24.57 30.59
C ARG A 309 -12.48 -23.47 29.80
N LEU A 310 -11.95 -23.80 28.64
CA LEU A 310 -11.31 -22.79 27.80
C LEU A 310 -12.27 -21.65 27.52
N MET A 311 -13.49 -21.97 27.10
CA MET A 311 -14.47 -20.95 26.76
C MET A 311 -14.76 -20.04 27.94
N SER A 312 -14.59 -20.52 29.18
CA SER A 312 -14.76 -19.66 30.34
C SER A 312 -13.69 -18.57 30.40
N TYR A 313 -12.63 -18.69 29.61
CA TYR A 313 -11.58 -17.68 29.63
C TYR A 313 -12.15 -16.31 29.25
N GLY A 314 -11.65 -15.27 29.92
CA GLY A 314 -12.10 -13.93 29.64
C GLY A 314 -13.45 -13.64 30.24
N TYR A 315 -13.64 -12.44 30.79
CA TYR A 315 -14.92 -12.11 31.41
C TYR A 315 -16.07 -12.22 30.43
N ALA A 316 -15.81 -12.05 29.13
CA ALA A 316 -16.84 -12.19 28.12
C ALA A 316 -17.34 -13.63 28.08
N GLY B 1 28.25 28.78 -1.29
CA GLY B 1 28.18 27.41 -0.69
C GLY B 1 27.11 26.55 -1.35
N HIS B 2 26.19 26.05 -0.53
CA HIS B 2 25.10 25.21 -1.01
C HIS B 2 23.77 25.92 -0.83
N ILE B 3 22.85 25.66 -1.75
CA ILE B 3 21.50 26.22 -1.69
C ILE B 3 20.51 25.06 -1.74
N VAL B 4 19.66 24.98 -0.73
CA VAL B 4 18.60 23.97 -0.68
C VAL B 4 17.35 24.57 -1.31
N ARG B 5 16.72 23.81 -2.19
CA ARG B 5 15.62 24.31 -3.02
C ARG B 5 14.38 23.47 -2.83
N SER B 6 13.22 24.12 -2.84
CA SER B 6 11.97 23.40 -2.70
C SER B 6 11.84 22.37 -3.83
N PRO B 7 11.60 21.10 -3.52
CA PRO B 7 11.39 20.10 -4.57
C PRO B 7 9.97 20.01 -5.10
N MET B 8 9.05 20.84 -4.60
CA MET B 8 7.67 20.85 -5.09
C MET B 8 7.18 22.29 -5.12
N VAL B 9 5.97 22.48 -5.62
CA VAL B 9 5.35 23.79 -5.78
C VAL B 9 4.26 23.94 -4.74
N GLY B 10 4.19 25.10 -4.11
CA GLY B 10 3.14 25.37 -3.15
C GLY B 10 3.46 26.58 -2.32
N THR B 11 2.47 26.98 -1.52
CA THR B 11 2.62 28.13 -0.65
C THR B 11 3.75 27.89 0.34
N PHE B 12 4.50 28.95 0.64
CA PHE B 12 5.64 28.86 1.55
C PHE B 12 5.22 29.35 2.93
N TYR B 13 5.37 28.48 3.93
CA TYR B 13 5.14 28.82 5.32
C TYR B 13 6.32 28.35 6.15
N ARG B 14 6.74 29.20 7.09
CA ARG B 14 7.84 28.85 7.98
C ARG B 14 7.37 28.40 9.35
N THR B 15 6.29 28.99 9.87
CA THR B 15 5.71 28.54 11.13
C THR B 15 4.71 27.43 10.85
N PRO B 16 4.84 26.26 11.48
CA PRO B 16 3.95 25.14 11.13
C PRO B 16 2.47 25.45 11.27
N SER B 17 2.10 26.34 12.18
CA SER B 17 0.72 26.67 12.46
C SER B 17 0.54 28.17 12.32
N PRO B 18 -0.71 28.64 12.25
CA PRO B 18 -0.93 30.08 12.02
C PRO B 18 -0.19 30.97 12.99
N ASP B 19 -0.15 30.59 14.27
CA ASP B 19 0.58 31.33 15.30
C ASP B 19 1.57 30.35 15.91
N ALA B 20 2.75 30.23 15.30
CA ALA B 20 3.74 29.27 15.76
C ALA B 20 5.13 29.83 15.53
N LYS B 21 6.08 29.34 16.32
CA LYS B 21 7.48 29.69 16.13
C LYS B 21 7.99 29.08 14.83
N ALA B 22 8.89 29.81 14.17
CA ALA B 22 9.50 29.28 12.96
C ALA B 22 10.35 28.06 13.29
N PHE B 23 10.29 27.05 12.42
CA PHE B 23 11.15 25.89 12.58
C PHE B 23 12.60 26.31 12.74
N ILE B 24 13.06 27.21 11.88
CA ILE B 24 14.42 27.72 11.92
C ILE B 24 14.36 29.23 11.83
N GLU B 25 15.47 29.88 12.18
CA GLU B 25 15.59 31.32 12.03
C GLU B 25 17.05 31.66 11.75
N VAL B 26 17.26 32.82 11.14
CA VAL B 26 18.60 33.23 10.77
C VAL B 26 19.50 33.22 11.99
N GLY B 27 20.79 33.01 11.76
CA GLY B 27 21.74 32.90 12.85
C GLY B 27 21.98 31.46 13.23
N GLN B 28 21.11 30.95 14.10
CA GLN B 28 21.20 29.54 14.55
C GLN B 28 21.43 28.61 13.37
N LYS B 29 22.51 27.83 13.43
CA LYS B 29 22.78 26.89 12.36
C LYS B 29 21.90 25.65 12.51
N VAL B 30 21.76 24.91 11.41
CA VAL B 30 20.97 23.69 11.38
C VAL B 30 21.91 22.51 11.18
N ASN B 31 21.34 21.31 11.23
CA ASN B 31 22.04 20.07 10.95
C ASN B 31 21.41 19.40 9.75
N VAL B 32 21.94 18.23 9.39
CA VAL B 32 21.39 17.50 8.24
C VAL B 32 19.93 17.15 8.50
N GLY B 33 19.62 16.62 9.67
CA GLY B 33 18.26 16.26 10.01
C GLY B 33 17.53 17.32 10.80
N ASP B 34 16.77 18.17 10.09
CA ASP B 34 15.96 19.18 10.74
C ASP B 34 15.03 19.83 9.72
N THR B 35 13.81 20.14 10.13
CA THR B 35 12.87 20.80 9.25
C THR B 35 13.20 22.29 9.14
N LEU B 36 13.22 22.80 7.92
CA LEU B 36 13.56 24.19 7.65
C LEU B 36 12.38 25.07 7.31
N CYS B 37 11.33 24.50 6.70
CA CYS B 37 10.18 25.30 6.29
C CYS B 37 9.01 24.37 6.01
N ILE B 38 7.88 24.97 5.66
CA ILE B 38 6.67 24.25 5.31
C ILE B 38 6.23 24.73 3.94
N VAL B 39 6.00 23.80 3.02
CA VAL B 39 5.55 24.11 1.67
C VAL B 39 4.17 23.53 1.48
N GLU B 40 3.14 24.31 1.82
CA GLU B 40 1.79 23.80 1.76
C GLU B 40 1.36 23.56 0.31
N ALA B 41 0.64 22.47 0.10
CA ALA B 41 0.11 22.14 -1.22
C ALA B 41 -1.13 21.29 -1.01
N MET B 42 -2.31 21.88 -1.26
CA MET B 42 -3.57 21.17 -1.12
C MET B 42 -3.89 20.89 0.35
N LYS B 43 -3.47 21.79 1.24
CA LYS B 43 -3.69 21.71 2.68
C LYS B 43 -2.82 20.65 3.35
N MET B 44 -1.95 19.98 2.61
CA MET B 44 -1.06 18.96 3.18
C MET B 44 0.28 19.63 3.45
N MET B 45 0.41 20.17 4.66
CA MET B 45 1.57 20.99 4.99
C MET B 45 2.82 20.14 5.09
N ASN B 46 3.58 20.06 4.00
CA ASN B 46 4.79 19.25 3.98
C ASN B 46 5.93 19.99 4.67
N GLN B 47 7.08 19.34 4.73
CA GLN B 47 8.23 19.88 5.45
C GLN B 47 9.50 19.62 4.64
N ILE B 48 10.50 20.45 4.86
CA ILE B 48 11.77 20.39 4.12
C ILE B 48 12.90 20.21 5.12
N GLU B 49 13.76 19.22 4.86
CA GLU B 49 14.91 18.95 5.69
C GLU B 49 16.19 19.25 4.93
N ALA B 50 17.14 19.89 5.60
CA ALA B 50 18.41 20.20 4.98
C ALA B 50 19.17 18.92 4.66
N ASP B 51 20.29 19.09 3.95
CA ASP B 51 21.19 17.99 3.64
C ASP B 51 22.64 18.25 4.00
N LYS B 52 23.02 19.51 4.20
CA LYS B 52 24.39 19.87 4.57
C LYS B 52 24.35 20.70 5.84
N SER B 53 25.06 20.24 6.86
CA SER B 53 25.08 20.94 8.14
C SER B 53 25.92 22.21 8.01
N GLY B 54 25.33 23.34 8.39
CA GLY B 54 26.02 24.61 8.27
C GLY B 54 25.13 25.72 8.80
N THR B 55 25.70 26.93 8.77
CA THR B 55 24.99 28.09 9.29
C THR B 55 23.89 28.52 8.32
N VAL B 56 22.81 29.04 8.89
CA VAL B 56 21.74 29.63 8.09
C VAL B 56 22.14 31.05 7.75
N LYS B 57 22.80 31.23 6.60
CA LYS B 57 23.30 32.54 6.22
C LYS B 57 22.15 33.53 6.04
N ALA B 58 21.09 33.10 5.37
CA ALA B 58 19.95 33.97 5.12
C ALA B 58 18.80 33.13 4.60
N ILE B 59 17.61 33.74 4.54
CA ILE B 59 16.42 33.11 3.99
C ILE B 59 15.95 33.96 2.81
N LEU B 60 15.89 33.34 1.64
CA LEU B 60 15.63 34.05 0.40
C LEU B 60 14.16 34.23 0.10
N VAL B 61 13.27 33.75 0.97
CA VAL B 61 11.84 33.82 0.76
C VAL B 61 11.19 34.38 2.03
N GLU B 62 9.87 34.57 1.96
CA GLU B 62 9.10 35.07 3.08
C GLU B 62 7.80 34.29 3.18
N SER B 63 7.30 34.14 4.41
CA SER B 63 6.09 33.38 4.64
C SER B 63 4.92 33.98 3.85
N GLY B 64 4.17 33.11 3.17
CA GLY B 64 3.08 33.53 2.33
C GLY B 64 3.45 33.80 0.89
N GLN B 65 4.71 33.62 0.54
CA GLN B 65 5.15 33.94 -0.84
C GLN B 65 5.26 32.63 -1.63
N PRO B 66 4.36 32.32 -2.60
CA PRO B 66 4.43 31.04 -3.31
C PRO B 66 5.80 30.80 -3.93
N VAL B 67 6.14 29.52 -4.02
CA VAL B 67 7.43 29.09 -4.56
C VAL B 67 7.19 27.98 -5.58
N GLU B 68 8.13 27.84 -6.50
CA GLU B 68 8.03 26.87 -7.58
C GLU B 68 9.05 25.76 -7.38
N PHE B 69 9.05 24.80 -8.30
CA PHE B 69 10.00 23.70 -8.23
C PHE B 69 11.43 24.23 -8.30
N ASP B 70 12.32 23.58 -7.57
CA ASP B 70 13.74 23.95 -7.54
C ASP B 70 13.94 25.41 -7.16
N GLU B 71 12.92 26.04 -6.60
CA GLU B 71 13.05 27.44 -6.17
C GLU B 71 14.07 27.52 -5.05
N PRO B 72 15.17 28.27 -5.21
CA PRO B 72 16.10 28.41 -4.09
C PRO B 72 15.39 28.96 -2.86
N LEU B 73 15.69 28.36 -1.71
CA LEU B 73 15.07 28.74 -0.44
C LEU B 73 16.08 29.33 0.53
N VAL B 74 17.16 28.62 0.81
CA VAL B 74 18.18 29.05 1.76
C VAL B 74 19.54 28.62 1.22
N VAL B 75 20.55 29.45 1.46
CA VAL B 75 21.92 29.18 1.03
C VAL B 75 22.75 28.89 2.27
N ILE B 76 23.41 27.73 2.27
CA ILE B 76 24.25 27.29 3.38
C ILE B 76 25.70 27.38 2.93
N GLU B 77 26.50 28.10 3.70
CA GLU B 77 27.91 28.27 3.40
C GLU B 77 28.76 27.36 4.28
N MET C 1 -15.94 36.42 -17.96
CA MET C 1 -14.82 35.63 -18.55
C MET C 1 -13.88 35.13 -17.46
N LEU C 2 -13.17 34.04 -17.76
CA LEU C 2 -12.24 33.48 -16.80
C LEU C 2 -11.21 34.53 -16.41
N ASP C 3 -11.09 34.79 -15.10
CA ASP C 3 -10.21 35.87 -14.64
C ASP C 3 -8.75 35.54 -14.84
N LYS C 4 -8.38 34.27 -14.95
CA LYS C 4 -7.01 33.87 -15.19
C LYS C 4 -6.99 32.37 -15.40
N ILE C 5 -6.03 31.89 -16.21
CA ILE C 5 -5.90 30.47 -16.47
C ILE C 5 -4.43 30.10 -16.57
N VAL C 6 -4.17 28.80 -16.48
CA VAL C 6 -2.82 28.24 -16.51
C VAL C 6 -2.67 27.44 -17.80
N ILE C 7 -1.55 27.66 -18.49
CA ILE C 7 -1.26 26.96 -19.73
C ILE C 7 -0.54 25.68 -19.34
N ALA C 8 -1.31 24.64 -19.03
CA ALA C 8 -0.76 23.34 -18.65
C ALA C 8 -0.34 22.58 -19.91
N ASN C 9 0.72 23.06 -20.52
CA ASN C 9 1.27 22.46 -21.74
C ASN C 9 2.62 23.10 -22.00
N ARG C 10 3.17 22.88 -23.19
CA ARG C 10 4.38 23.59 -23.60
C ARG C 10 4.36 23.77 -25.11
N GLY C 11 4.88 24.92 -25.56
CA GLY C 11 5.23 25.11 -26.95
C GLY C 11 4.12 25.58 -27.87
N GLU C 12 4.22 25.22 -29.15
CA GLU C 12 3.34 25.76 -30.18
C GLU C 12 1.92 25.96 -29.67
N ILE C 13 1.34 24.91 -29.08
CA ILE C 13 0.00 25.07 -28.53
C ILE C 13 0.03 25.97 -27.30
N ALA C 14 1.11 25.95 -26.52
CA ALA C 14 1.22 26.85 -25.38
C ALA C 14 1.24 28.30 -25.84
N LEU C 15 2.10 28.61 -26.81
CA LEU C 15 2.20 29.98 -27.32
C LEU C 15 0.90 30.42 -27.96
N ARG C 16 0.29 29.54 -28.76
CA ARG C 16 -0.98 29.85 -29.39
C ARG C 16 -2.04 30.16 -28.35
N ILE C 17 -2.14 29.34 -27.31
CA ILE C 17 -3.12 29.61 -26.26
C ILE C 17 -2.79 30.92 -25.57
N LEU C 18 -1.50 31.22 -25.40
CA LEU C 18 -1.13 32.49 -24.77
C LEU C 18 -1.63 33.67 -25.60
N ARG C 19 -1.46 33.59 -26.92
CA ARG C 19 -1.98 34.64 -27.79
C ARG C 19 -3.48 34.77 -27.64
N ALA C 20 -4.20 33.65 -27.65
CA ALA C 20 -5.65 33.72 -27.51
C ALA C 20 -6.05 34.36 -26.18
N CYS C 21 -5.37 33.97 -25.10
CA CYS C 21 -5.68 34.52 -23.79
C CYS C 21 -5.47 36.03 -23.79
N LYS C 22 -4.28 36.47 -24.20
CA LYS C 22 -4.01 37.91 -24.19
C LYS C 22 -5.03 38.65 -25.05
N GLU C 23 -5.43 38.06 -26.18
CA GLU C 23 -6.48 38.66 -26.98
C GLU C 23 -7.74 38.87 -26.15
N LEU C 24 -8.21 37.82 -25.48
CA LEU C 24 -9.43 37.95 -24.70
C LEU C 24 -9.21 38.63 -23.36
N GLY C 25 -8.02 39.19 -23.12
CA GLY C 25 -7.79 39.92 -21.88
C GLY C 25 -7.74 39.07 -20.64
N ILE C 26 -7.54 37.77 -20.79
CA ILE C 26 -7.46 36.85 -19.65
C ILE C 26 -5.99 36.67 -19.30
N LYS C 27 -5.59 37.15 -18.12
CA LYS C 27 -4.19 37.04 -17.71
C LYS C 27 -3.72 35.61 -17.89
N THR C 28 -2.40 35.40 -17.94
CA THR C 28 -1.85 34.09 -18.28
C THR C 28 -0.83 33.66 -17.24
N VAL C 29 -0.74 32.34 -17.02
CA VAL C 29 0.24 31.75 -16.12
C VAL C 29 0.92 30.61 -16.84
N ALA C 30 2.24 30.67 -16.96
CA ALA C 30 3.02 29.71 -17.72
C ALA C 30 3.70 28.74 -16.77
N VAL C 31 3.29 27.48 -16.82
CA VAL C 31 3.90 26.43 -16.00
C VAL C 31 4.93 25.70 -16.87
N HIS C 32 6.20 25.91 -16.56
CA HIS C 32 7.29 25.43 -17.39
C HIS C 32 8.12 24.40 -16.62
N SER C 33 8.91 23.64 -17.38
CA SER C 33 9.93 22.79 -16.79
C SER C 33 11.25 23.54 -16.69
N SER C 34 12.18 22.98 -15.93
CA SER C 34 13.45 23.65 -15.68
C SER C 34 14.26 23.80 -16.97
N ALA C 35 14.12 22.86 -17.90
CA ALA C 35 14.78 23.00 -19.19
C ALA C 35 14.08 24.01 -20.09
N ASP C 36 12.75 24.08 -20.01
CA ASP C 36 12.00 25.08 -20.79
C ASP C 36 11.85 26.39 -20.03
N ARG C 37 12.97 26.95 -19.55
CA ARG C 37 12.89 28.25 -18.89
C ARG C 37 12.77 29.38 -19.90
N ASP C 38 13.48 29.29 -21.02
CA ASP C 38 13.52 30.36 -22.01
C ASP C 38 12.67 30.06 -23.24
N LEU C 39 11.53 29.38 -23.07
CA LEU C 39 10.59 29.28 -24.17
C LEU C 39 10.01 30.65 -24.48
N LYS C 40 9.52 30.79 -25.72
CA LYS C 40 8.85 32.02 -26.09
C LYS C 40 7.63 32.25 -25.19
N HIS C 41 6.66 31.33 -25.23
CA HIS C 41 5.43 31.54 -24.48
C HIS C 41 5.72 31.75 -23.00
N VAL C 42 6.77 31.13 -22.48
CA VAL C 42 7.16 31.36 -21.09
C VAL C 42 7.55 32.81 -20.89
N LEU C 43 8.41 33.34 -21.77
CA LEU C 43 8.91 34.69 -21.58
C LEU C 43 7.84 35.74 -21.85
N LEU C 44 6.86 35.45 -22.69
CA LEU C 44 5.81 36.40 -23.01
C LEU C 44 4.63 36.33 -22.05
N ALA C 45 4.74 35.55 -20.98
CA ALA C 45 3.63 35.34 -20.08
C ALA C 45 3.76 36.20 -18.83
N ASP C 46 2.61 36.43 -18.18
CA ASP C 46 2.58 37.26 -16.98
C ASP C 46 3.39 36.62 -15.85
N GLU C 47 3.11 35.36 -15.55
CA GLU C 47 3.65 34.69 -14.37
C GLU C 47 4.09 33.29 -14.74
N THR C 48 5.35 32.96 -14.41
CA THR C 48 5.98 31.70 -14.80
C THR C 48 6.24 30.86 -13.57
N VAL C 49 5.87 29.59 -13.63
CA VAL C 49 6.05 28.66 -12.53
C VAL C 49 6.80 27.44 -13.04
N CYS C 50 7.81 26.99 -12.28
CA CYS C 50 8.54 25.77 -12.57
C CYS C 50 7.99 24.65 -11.69
N ILE C 51 7.63 23.53 -12.30
CA ILE C 51 6.96 22.45 -11.58
C ILE C 51 7.78 21.18 -11.47
N GLY C 52 8.90 21.06 -12.17
CA GLY C 52 9.71 19.87 -12.06
C GLY C 52 10.94 19.86 -12.94
N PRO C 53 11.70 18.76 -12.90
CA PRO C 53 12.89 18.63 -13.74
C PRO C 53 12.56 18.29 -15.19
N ALA C 54 13.59 18.16 -16.01
CA ALA C 54 13.41 18.04 -17.46
C ALA C 54 12.44 16.95 -17.86
N PRO C 55 12.47 15.74 -17.31
CA PRO C 55 11.63 14.66 -17.83
C PRO C 55 10.14 14.99 -17.75
N SER C 56 9.37 14.35 -18.63
CA SER C 56 7.94 14.62 -18.71
C SER C 56 7.22 14.18 -17.44
N VAL C 57 7.56 13.00 -16.92
CA VAL C 57 6.80 12.43 -15.81
C VAL C 57 7.05 13.22 -14.54
N LYS C 58 8.30 13.64 -14.32
CA LYS C 58 8.61 14.36 -13.09
C LYS C 58 7.99 15.76 -13.06
N SER C 59 7.88 16.42 -14.21
CA SER C 59 7.58 17.85 -14.23
C SER C 59 6.23 18.18 -14.86
N TYR C 60 6.00 17.82 -16.11
CA TYR C 60 4.79 18.28 -16.77
C TYR C 60 3.59 17.39 -16.50
N LEU C 61 3.81 16.11 -16.23
CA LEU C 61 2.74 15.22 -15.85
C LEU C 61 2.51 15.21 -14.34
N ASN C 62 3.27 16.01 -13.59
CA ASN C 62 3.18 16.08 -12.13
C ASN C 62 1.92 16.84 -11.73
N ILE C 63 0.78 16.20 -11.99
CA ILE C 63 -0.53 16.80 -11.75
C ILE C 63 -0.53 17.54 -10.41
N PRO C 64 0.05 16.98 -9.35
CA PRO C 64 0.12 17.73 -8.10
C PRO C 64 0.79 19.09 -8.23
N ALA C 65 1.92 19.17 -8.94
CA ALA C 65 2.61 20.44 -9.04
C ALA C 65 1.82 21.45 -9.87
N ILE C 66 1.15 20.97 -10.92
CA ILE C 66 0.32 21.85 -11.74
C ILE C 66 -0.84 22.40 -10.90
N ILE C 67 -1.50 21.55 -10.13
CA ILE C 67 -2.57 22.05 -9.28
C ILE C 67 -2.00 22.99 -8.22
N SER C 68 -0.79 22.72 -7.73
CA SER C 68 -0.16 23.64 -6.78
C SER C 68 -0.01 25.02 -7.40
N ALA C 69 0.57 25.09 -8.59
CA ALA C 69 0.70 26.37 -9.28
C ALA C 69 -0.65 27.03 -9.44
N ALA C 70 -1.65 26.27 -9.89
CA ALA C 70 -2.97 26.87 -10.15
C ALA C 70 -3.58 27.42 -8.88
N GLU C 71 -3.32 26.78 -7.73
CA GLU C 71 -3.88 27.30 -6.48
C GLU C 71 -3.12 28.52 -5.98
N ILE C 72 -1.80 28.53 -6.12
CA ILE C 72 -1.02 29.62 -5.54
C ILE C 72 -1.27 30.91 -6.32
N THR C 73 -1.42 30.82 -7.64
CA THR C 73 -1.60 32.01 -8.47
C THR C 73 -3.03 32.52 -8.51
N GLY C 74 -4.00 31.73 -8.04
CA GLY C 74 -5.37 32.21 -8.00
C GLY C 74 -6.17 31.96 -9.24
N ALA C 75 -5.72 31.08 -10.13
CA ALA C 75 -6.46 30.80 -11.34
C ALA C 75 -7.87 30.32 -10.99
N VAL C 76 -8.72 30.25 -12.01
CA VAL C 76 -10.06 29.70 -11.83
C VAL C 76 -10.34 28.72 -12.97
N ALA C 77 -9.29 28.25 -13.62
CA ALA C 77 -9.41 27.27 -14.70
C ALA C 77 -8.00 26.94 -15.16
N ILE C 78 -7.90 25.96 -16.05
CA ILE C 78 -6.62 25.57 -16.63
C ILE C 78 -6.87 25.09 -18.05
N HIS C 79 -5.92 25.38 -18.94
CA HIS C 79 -5.94 24.83 -20.29
C HIS C 79 -4.86 23.75 -20.38
N PRO C 80 -5.21 22.49 -20.64
CA PRO C 80 -4.18 21.47 -20.81
C PRO C 80 -3.55 21.51 -22.18
N GLY C 81 -4.36 21.82 -23.18
CA GLY C 81 -3.93 21.78 -24.56
C GLY C 81 -4.05 20.39 -25.14
N TYR C 82 -3.07 19.98 -25.95
CA TYR C 82 -3.02 18.60 -26.51
C TYR C 82 -1.66 17.99 -26.18
N GLY C 83 -1.66 16.69 -25.85
CA GLY C 83 -0.42 16.01 -25.39
C GLY C 83 -0.34 16.14 -23.88
N PHE C 84 0.81 15.82 -23.25
CA PHE C 84 0.88 15.85 -21.77
C PHE C 84 -0.45 15.39 -21.14
N LEU C 85 -1.14 16.28 -20.43
CA LEU C 85 -2.38 15.83 -19.76
C LEU C 85 -3.65 16.18 -20.57
N SER C 86 -3.70 15.90 -21.87
CA SER C 86 -4.85 16.27 -22.67
C SER C 86 -6.05 15.40 -22.36
N GLU C 87 -5.88 14.08 -22.40
CA GLU C 87 -6.99 13.14 -22.29
C GLU C 87 -6.97 12.36 -20.98
N ASN C 88 -6.12 12.75 -20.02
CA ASN C 88 -6.08 12.06 -18.74
C ASN C 88 -7.36 12.34 -17.96
N ALA C 89 -8.36 11.48 -18.13
CA ALA C 89 -9.65 11.74 -17.48
C ALA C 89 -9.48 11.98 -16.00
N ASN C 90 -8.55 11.27 -15.36
CA ASN C 90 -8.34 11.46 -13.93
C ASN C 90 -7.82 12.86 -13.64
N PHE C 91 -6.96 13.40 -14.51
CA PHE C 91 -6.56 14.78 -14.36
C PHE C 91 -7.77 15.70 -14.41
N ALA C 92 -8.70 15.42 -15.32
CA ALA C 92 -9.91 16.22 -15.40
C ALA C 92 -10.72 16.13 -14.12
N GLU C 93 -10.85 14.91 -13.58
CA GLU C 93 -11.58 14.74 -12.33
C GLU C 93 -10.95 15.56 -11.21
N GLN C 94 -9.64 15.45 -11.07
CA GLN C 94 -8.96 16.17 -9.98
C GLN C 94 -9.09 17.68 -10.15
N VAL C 95 -8.92 18.18 -11.37
CA VAL C 95 -9.03 19.61 -11.61
C VAL C 95 -10.46 20.08 -11.32
N GLU C 96 -11.44 19.31 -11.77
CA GLU C 96 -12.83 19.63 -11.45
C GLU C 96 -13.05 19.73 -9.95
N ARG C 97 -12.60 18.72 -9.21
CA ARG C 97 -12.90 18.66 -7.78
C ARG C 97 -12.04 19.62 -6.97
N SER C 98 -10.79 19.84 -7.38
CA SER C 98 -9.91 20.68 -6.60
C SER C 98 -10.48 22.07 -6.38
N GLY C 99 -11.36 22.52 -7.27
CA GLY C 99 -11.95 23.85 -7.21
C GLY C 99 -11.77 24.68 -8.46
N PHE C 100 -11.16 24.15 -9.51
CA PHE C 100 -10.90 24.89 -10.74
C PHE C 100 -11.73 24.31 -11.88
N ILE C 101 -11.66 24.96 -13.04
CA ILE C 101 -12.46 24.62 -14.20
C ILE C 101 -11.53 23.99 -15.24
N PHE C 102 -11.91 22.79 -15.71
CA PHE C 102 -11.14 22.07 -16.71
C PHE C 102 -11.61 22.51 -18.09
N ILE C 103 -10.75 23.22 -18.81
CA ILE C 103 -11.07 23.75 -20.13
C ILE C 103 -11.10 22.57 -21.11
N GLY C 104 -12.30 22.15 -21.48
CA GLY C 104 -12.48 20.99 -22.32
C GLY C 104 -13.70 20.20 -21.92
N PRO C 105 -13.77 18.95 -22.36
CA PRO C 105 -14.92 18.11 -21.99
C PRO C 105 -14.88 17.73 -20.52
N LYS C 106 -16.06 17.39 -19.99
CA LYS C 106 -16.13 16.84 -18.64
C LYS C 106 -15.46 15.48 -18.62
N ALA C 107 -14.84 15.15 -17.47
CA ALA C 107 -14.04 13.94 -17.38
C ALA C 107 -14.84 12.71 -17.78
N GLU C 108 -16.15 12.71 -17.56
CA GLU C 108 -16.96 11.54 -17.87
C GLU C 108 -16.81 11.14 -19.33
N THR C 109 -16.94 12.11 -20.23
CA THR C 109 -16.77 11.79 -21.65
C THR C 109 -15.32 11.48 -21.97
N ILE C 110 -14.38 12.02 -21.20
CA ILE C 110 -12.99 11.63 -21.37
C ILE C 110 -12.83 10.14 -21.16
N ARG C 111 -13.48 9.62 -20.11
CA ARG C 111 -13.39 8.18 -19.84
C ARG C 111 -14.15 7.37 -20.88
N LEU C 112 -15.36 7.81 -21.24
CA LEU C 112 -16.16 7.04 -22.19
C LEU C 112 -15.47 6.98 -23.55
N MET C 113 -14.93 8.09 -24.04
CA MET C 113 -14.38 8.17 -25.38
C MET C 113 -12.88 7.92 -25.45
N GLY C 114 -12.18 7.93 -24.33
CA GLY C 114 -10.78 7.56 -24.34
C GLY C 114 -10.58 6.06 -24.48
N ASP C 115 -11.60 5.29 -24.13
CA ASP C 115 -11.62 3.86 -24.45
C ASP C 115 -12.18 3.70 -25.85
N LYS C 116 -11.32 3.33 -26.80
CA LYS C 116 -11.71 3.32 -28.20
C LYS C 116 -12.97 2.48 -28.40
N VAL C 117 -13.03 1.31 -27.76
CA VAL C 117 -14.12 0.37 -28.02
C VAL C 117 -15.44 0.91 -27.49
N SER C 118 -15.43 1.49 -26.29
CA SER C 118 -16.65 2.11 -25.77
C SER C 118 -17.06 3.28 -26.65
N ALA C 119 -16.08 4.03 -27.16
CA ALA C 119 -16.39 5.12 -28.07
C ALA C 119 -17.11 4.61 -29.30
N ILE C 120 -16.60 3.53 -29.90
CA ILE C 120 -17.23 2.99 -31.10
C ILE C 120 -18.61 2.46 -30.78
N ALA C 121 -18.78 1.85 -29.60
CA ALA C 121 -20.09 1.33 -29.21
C ALA C 121 -21.10 2.46 -29.08
N ALA C 122 -20.73 3.52 -28.36
CA ALA C 122 -21.64 4.66 -28.22
C ALA C 122 -21.93 5.28 -29.57
N MET C 123 -20.93 5.34 -30.46
CA MET C 123 -21.14 5.86 -31.80
C MET C 123 -22.18 5.02 -32.55
N LYS C 124 -22.04 3.69 -32.48
CA LYS C 124 -23.05 2.83 -33.10
C LYS C 124 -24.42 3.13 -32.53
N LYS C 125 -24.49 3.33 -31.21
CA LYS C 125 -25.78 3.63 -30.59
C LYS C 125 -26.33 4.97 -31.06
N ALA C 126 -25.46 5.91 -31.41
CA ALA C 126 -25.87 7.26 -31.81
C ALA C 126 -26.05 7.41 -33.31
N GLY C 127 -25.79 6.36 -34.10
CA GLY C 127 -26.01 6.40 -35.53
C GLY C 127 -24.77 6.67 -36.36
N VAL C 128 -23.61 6.81 -35.74
CA VAL C 128 -22.37 7.04 -36.47
C VAL C 128 -21.84 5.69 -37.00
N PRO C 129 -21.63 5.54 -38.30
CA PRO C 129 -21.14 4.25 -38.81
C PRO C 129 -19.76 3.94 -38.25
N CYS C 130 -19.47 2.63 -38.12
CA CYS C 130 -18.23 2.17 -37.52
C CYS C 130 -17.63 1.05 -38.34
N VAL C 131 -16.32 0.90 -38.19
CA VAL C 131 -15.56 -0.12 -38.93
C VAL C 131 -15.97 -1.50 -38.43
N PRO C 132 -16.07 -2.52 -39.30
CA PRO C 132 -16.26 -3.88 -38.81
C PRO C 132 -15.11 -4.32 -37.92
N GLY C 133 -15.43 -5.11 -36.89
CA GLY C 133 -14.40 -5.53 -35.96
C GLY C 133 -14.96 -6.35 -34.82
N SER C 134 -14.22 -6.35 -33.72
CA SER C 134 -14.60 -7.15 -32.56
C SER C 134 -15.95 -6.73 -32.00
N ASP C 135 -16.21 -5.42 -31.96
CA ASP C 135 -17.39 -4.89 -31.27
C ASP C 135 -17.28 -5.13 -29.76
N GLY C 136 -16.05 -5.30 -29.29
CA GLY C 136 -15.79 -5.50 -27.88
C GLY C 136 -14.33 -5.81 -27.65
N PRO C 137 -13.85 -5.59 -26.42
CA PRO C 137 -12.45 -5.91 -26.11
C PRO C 137 -12.20 -7.39 -26.27
N LEU C 138 -10.99 -7.72 -26.73
CA LEU C 138 -10.65 -9.11 -27.01
C LEU C 138 -10.45 -9.89 -25.72
N GLY C 139 -11.13 -11.02 -25.60
CA GLY C 139 -10.93 -11.96 -24.52
C GLY C 139 -9.90 -13.01 -24.88
N ASP C 140 -9.92 -14.11 -24.13
CA ASP C 140 -9.02 -15.24 -24.37
C ASP C 140 -9.70 -16.38 -25.09
N ASP C 141 -10.89 -16.16 -25.65
CA ASP C 141 -11.58 -17.17 -26.45
C ASP C 141 -11.01 -17.13 -27.86
N MET C 142 -9.89 -17.83 -28.06
CA MET C 142 -9.25 -17.81 -29.37
C MET C 142 -10.20 -18.27 -30.46
N ASP C 143 -11.10 -19.21 -30.14
CA ASP C 143 -12.09 -19.64 -31.12
C ASP C 143 -12.95 -18.46 -31.57
N LYS C 144 -13.47 -17.69 -30.61
CA LYS C 144 -14.28 -16.52 -30.96
C LYS C 144 -13.43 -15.47 -31.67
N ASN C 145 -12.19 -15.29 -31.25
CA ASN C 145 -11.33 -14.31 -31.91
C ASN C 145 -11.16 -14.64 -33.38
N ARG C 146 -10.86 -15.91 -33.69
CA ARG C 146 -10.67 -16.29 -35.08
C ARG C 146 -11.99 -16.30 -35.84
N ALA C 147 -13.10 -16.63 -35.17
CA ALA C 147 -14.39 -16.54 -35.83
C ALA C 147 -14.68 -15.11 -36.26
N ILE C 148 -14.43 -14.14 -35.37
CA ILE C 148 -14.64 -12.74 -35.71
C ILE C 148 -13.69 -12.30 -36.81
N ALA C 149 -12.43 -12.76 -36.75
CA ALA C 149 -11.47 -12.42 -37.79
C ALA C 149 -11.95 -12.91 -39.15
N LYS C 150 -12.46 -14.14 -39.20
CA LYS C 150 -13.00 -14.67 -40.45
C LYS C 150 -14.24 -13.88 -40.88
N ARG C 151 -15.05 -13.44 -39.92
CA ARG C 151 -16.28 -12.74 -40.25
C ARG C 151 -16.00 -11.37 -40.86
N ILE C 152 -15.09 -10.60 -40.27
CA ILE C 152 -14.78 -9.28 -40.82
C ILE C 152 -13.95 -9.41 -42.09
N GLY C 153 -12.98 -10.32 -42.10
CA GLY C 153 -12.12 -10.53 -43.25
C GLY C 153 -10.69 -10.09 -43.02
N TYR C 154 -9.75 -10.98 -43.28
CA TYR C 154 -8.35 -10.63 -43.15
C TYR C 154 -7.94 -9.64 -44.24
N PRO C 155 -6.87 -8.87 -44.00
CA PRO C 155 -6.01 -8.84 -42.81
C PRO C 155 -6.65 -8.08 -41.66
N VAL C 156 -6.06 -8.13 -40.47
CA VAL C 156 -6.62 -7.46 -39.31
C VAL C 156 -5.49 -6.75 -38.56
N ILE C 157 -5.89 -5.85 -37.67
CA ILE C 157 -4.96 -5.02 -36.91
C ILE C 157 -5.37 -5.04 -35.44
N ILE C 158 -4.38 -5.16 -34.56
CA ILE C 158 -4.59 -5.10 -33.12
C ILE C 158 -4.22 -3.71 -32.63
N LYS C 159 -5.14 -3.07 -31.91
CA LYS C 159 -4.95 -1.72 -31.41
C LYS C 159 -5.31 -1.69 -29.93
N ALA C 160 -4.43 -1.13 -29.11
CA ALA C 160 -4.71 -1.00 -27.69
C ALA C 160 -5.67 0.15 -27.45
N SER C 161 -6.80 -0.15 -26.80
CA SER C 161 -7.82 0.88 -26.60
C SER C 161 -7.30 2.03 -25.75
N GLY C 162 -6.27 1.77 -24.95
CA GLY C 162 -5.67 2.81 -24.14
C GLY C 162 -4.37 3.33 -24.73
N GLY C 163 -4.05 2.93 -25.95
CA GLY C 163 -2.85 3.39 -26.60
C GLY C 163 -2.99 4.79 -27.17
N GLY C 164 -1.86 5.39 -27.51
CA GLY C 164 -1.85 6.73 -28.04
C GLY C 164 -0.57 7.03 -28.78
N GLY C 165 -0.60 8.13 -29.54
CA GLY C 165 0.56 8.55 -30.29
C GLY C 165 0.97 7.60 -31.40
N GLY C 166 0.00 6.96 -32.06
CA GLY C 166 0.31 6.13 -33.20
C GLY C 166 1.20 4.95 -32.90
N ARG C 167 1.38 4.62 -31.63
CA ARG C 167 2.15 3.46 -31.22
C ARG C 167 1.21 2.40 -30.66
N GLY C 168 1.78 1.24 -30.37
CA GLY C 168 0.99 0.15 -29.83
C GLY C 168 -0.07 -0.37 -30.76
N MET C 169 0.20 -0.40 -32.06
CA MET C 169 -0.66 -1.03 -33.05
C MET C 169 0.17 -1.98 -33.90
N ARG C 170 -0.37 -3.17 -34.13
CA ARG C 170 0.31 -4.17 -34.94
C ARG C 170 -0.69 -4.79 -35.91
N VAL C 171 -0.20 -5.10 -37.11
CA VAL C 171 -0.99 -5.73 -38.15
C VAL C 171 -0.76 -7.22 -38.09
N VAL C 172 -1.83 -8.00 -38.10
CA VAL C 172 -1.76 -9.45 -38.04
C VAL C 172 -2.05 -9.98 -39.43
N ARG C 173 -1.10 -10.73 -40.00
CA ARG C 173 -1.26 -11.29 -41.32
C ARG C 173 -2.06 -12.59 -41.33
N GLY C 174 -2.05 -13.33 -40.22
CA GLY C 174 -2.78 -14.58 -40.16
C GLY C 174 -2.87 -15.09 -38.74
N ASP C 175 -3.58 -16.20 -38.55
CA ASP C 175 -3.73 -16.76 -37.19
C ASP C 175 -2.40 -17.31 -36.69
N ALA C 176 -1.42 -17.56 -37.58
CA ALA C 176 -0.20 -18.22 -37.13
C ALA C 176 0.44 -17.48 -35.96
N GLU C 177 0.48 -16.15 -36.03
CA GLU C 177 1.08 -15.33 -34.98
C GLU C 177 0.04 -14.48 -34.27
N LEU C 178 -1.24 -14.81 -34.41
CA LEU C 178 -2.29 -14.01 -33.80
C LEU C 178 -2.12 -13.96 -32.27
N ALA C 179 -1.90 -15.12 -31.66
CA ALA C 179 -1.76 -15.16 -30.20
C ALA C 179 -0.53 -14.40 -29.74
N GLN C 180 0.62 -14.67 -30.35
CA GLN C 180 1.86 -14.00 -29.94
C GLN C 180 1.80 -12.50 -30.23
N SER C 181 1.26 -12.13 -31.39
CA SER C 181 1.12 -10.72 -31.72
C SER C 181 0.23 -10.01 -30.70
N ILE C 182 -0.90 -10.64 -30.35
CA ILE C 182 -1.79 -10.05 -29.36
C ILE C 182 -1.08 -9.92 -28.02
N SER C 183 -0.35 -10.95 -27.61
CA SER C 183 0.33 -10.91 -26.32
C SER C 183 1.35 -9.79 -26.27
N MET C 184 2.16 -9.65 -27.33
CA MET C 184 3.20 -8.63 -27.31
C MET C 184 2.60 -7.23 -27.43
N THR C 185 1.51 -7.08 -28.18
CA THR C 185 0.84 -5.79 -28.24
C THR C 185 0.28 -5.40 -26.88
N ARG C 186 -0.36 -6.35 -26.19
CA ARG C 186 -0.84 -6.08 -24.84
C ARG C 186 0.33 -5.74 -23.92
N ALA C 187 1.45 -6.44 -24.07
CA ALA C 187 2.61 -6.17 -23.23
C ALA C 187 3.13 -4.75 -23.46
N GLU C 188 3.21 -4.33 -24.72
CA GLU C 188 3.66 -2.97 -25.01
C GLU C 188 2.69 -1.93 -24.45
N ALA C 189 1.38 -2.19 -24.58
CA ALA C 189 0.41 -1.27 -24.02
C ALA C 189 0.55 -1.18 -22.51
N LYS C 190 0.75 -2.31 -21.83
CA LYS C 190 0.96 -2.30 -20.39
C LYS C 190 2.21 -1.51 -20.03
N ALA C 191 3.30 -1.76 -20.77
CA ALA C 191 4.57 -1.10 -20.44
C ALA C 191 4.46 0.41 -20.61
N ALA C 192 3.85 0.86 -21.71
CA ALA C 192 3.84 2.29 -22.01
C ALA C 192 2.69 3.02 -21.32
N PHE C 193 1.45 2.62 -21.62
CA PHE C 193 0.26 3.31 -21.15
C PHE C 193 -0.41 2.62 -19.98
N SER C 194 0.19 1.56 -19.44
CA SER C 194 -0.28 0.92 -18.22
C SER C 194 -1.63 0.22 -18.39
N ASN C 195 -2.20 0.24 -19.59
CA ASN C 195 -3.49 -0.38 -19.85
C ASN C 195 -3.32 -1.50 -20.86
N ASP C 196 -3.96 -2.63 -20.58
CA ASP C 196 -3.80 -3.84 -21.35
C ASP C 196 -4.91 -4.06 -22.38
N MET C 197 -5.97 -3.27 -22.34
CA MET C 197 -7.12 -3.52 -23.19
C MET C 197 -6.70 -3.54 -24.66
N VAL C 198 -7.03 -4.63 -25.35
CA VAL C 198 -6.79 -4.75 -26.77
C VAL C 198 -8.08 -5.21 -27.43
N TYR C 199 -8.26 -4.82 -28.69
CA TYR C 199 -9.47 -5.14 -29.43
C TYR C 199 -9.13 -5.35 -30.88
N MET C 200 -10.01 -6.05 -31.59
CA MET C 200 -9.83 -6.39 -32.99
C MET C 200 -10.74 -5.51 -33.83
N GLU C 201 -10.16 -4.88 -34.85
CA GLU C 201 -10.93 -4.08 -35.80
C GLU C 201 -10.49 -4.41 -37.21
N LYS C 202 -11.46 -4.44 -38.13
CA LYS C 202 -11.17 -4.74 -39.52
C LYS C 202 -10.01 -3.88 -40.00
N TYR C 203 -9.28 -4.39 -41.00
CA TYR C 203 -8.23 -3.63 -41.66
C TYR C 203 -8.72 -3.18 -43.02
N LEU C 204 -8.54 -1.89 -43.30
CA LEU C 204 -8.82 -1.30 -44.60
C LEU C 204 -7.50 -1.05 -45.31
N GLU C 205 -7.48 -1.25 -46.62
CA GLU C 205 -6.26 -1.10 -47.40
C GLU C 205 -6.22 0.19 -48.23
N ASN C 206 -7.35 0.86 -48.40
CA ASN C 206 -7.45 2.07 -49.21
C ASN C 206 -8.25 3.12 -48.45
N PRO C 207 -7.72 3.64 -47.35
CA PRO C 207 -8.42 4.69 -46.61
C PRO C 207 -7.96 6.08 -47.00
N ARG C 208 -8.82 7.06 -46.73
CA ARG C 208 -8.48 8.47 -46.87
C ARG C 208 -8.88 9.16 -45.57
N HIS C 209 -7.91 9.29 -44.66
CA HIS C 209 -8.15 9.90 -43.36
C HIS C 209 -9.02 11.14 -43.49
N VAL C 210 -10.11 11.17 -42.75
CA VAL C 210 -10.97 12.35 -42.64
C VAL C 210 -11.16 12.63 -41.16
N GLU C 211 -11.48 13.86 -40.82
CA GLU C 211 -11.95 14.18 -39.48
C GLU C 211 -12.73 15.48 -39.52
N ILE C 212 -13.89 15.49 -38.88
CA ILE C 212 -14.80 16.62 -38.90
C ILE C 212 -14.79 17.29 -37.55
N GLN C 213 -14.47 18.59 -37.55
CA GLN C 213 -14.38 19.38 -36.29
C GLN C 213 -15.77 19.78 -35.82
N VAL C 214 -16.01 19.77 -34.50
CA VAL C 214 -17.29 20.05 -33.90
C VAL C 214 -17.07 20.88 -32.64
N LEU C 215 -17.94 21.86 -32.43
CA LEU C 215 -17.96 22.67 -31.22
C LEU C 215 -19.31 22.48 -30.55
N ALA C 216 -19.29 22.13 -29.27
CA ALA C 216 -20.50 21.99 -28.49
C ALA C 216 -20.26 22.57 -27.10
N ASP C 217 -21.20 23.39 -26.64
CA ASP C 217 -21.10 24.03 -25.34
C ASP C 217 -21.50 23.12 -24.19
N GLY C 218 -21.99 21.93 -24.48
CA GLY C 218 -22.48 21.03 -23.46
C GLY C 218 -23.86 21.36 -22.95
N GLN C 219 -24.54 22.33 -23.56
CA GLN C 219 -25.89 22.75 -23.15
C GLN C 219 -26.88 22.49 -24.28
N GLY C 220 -26.73 21.35 -24.96
CA GLY C 220 -27.61 21.00 -26.05
C GLY C 220 -27.25 21.61 -27.39
N ASN C 221 -26.17 22.39 -27.47
CA ASN C 221 -25.71 22.98 -28.71
C ASN C 221 -24.45 22.27 -29.18
N ALA C 222 -24.46 21.81 -30.43
CA ALA C 222 -23.30 21.19 -31.03
C ALA C 222 -23.31 21.50 -32.52
N ILE C 223 -22.24 22.14 -33.00
CA ILE C 223 -22.12 22.56 -34.38
C ILE C 223 -20.90 21.87 -34.98
N TYR C 224 -20.90 21.77 -36.31
CA TYR C 224 -19.81 21.14 -37.05
C TYR C 224 -19.21 22.16 -38.01
N LEU C 225 -17.91 22.40 -37.87
CA LEU C 225 -17.16 23.29 -38.73
C LEU C 225 -16.70 22.52 -39.97
N ALA C 226 -15.74 23.10 -40.70
CA ALA C 226 -15.24 22.48 -41.91
C ALA C 226 -14.65 21.11 -41.62
N GLU C 227 -14.39 20.38 -42.69
CA GLU C 227 -13.83 19.03 -42.63
C GLU C 227 -12.33 19.09 -42.41
N ARG C 228 -11.66 17.99 -42.68
CA ARG C 228 -10.20 17.95 -42.70
C ARG C 228 -9.79 16.71 -43.49
N ASP C 229 -8.48 16.57 -43.70
CA ASP C 229 -7.94 15.38 -44.33
C ASP C 229 -6.44 15.37 -44.01
N CYS C 230 -6.00 14.38 -43.25
CA CYS C 230 -4.59 14.23 -42.91
C CYS C 230 -3.96 13.11 -43.72
N SER C 231 -4.50 12.81 -44.90
CA SER C 231 -4.03 11.63 -45.69
C SER C 231 -2.53 11.37 -45.50
N MET C 232 -1.70 12.39 -45.73
CA MET C 232 -0.25 12.09 -45.68
C MET C 232 0.16 11.73 -44.25
N GLN C 233 0.82 10.59 -44.09
CA GLN C 233 1.30 10.15 -42.80
C GLN C 233 2.60 9.38 -42.99
N ARG C 234 3.45 9.44 -41.98
CA ARG C 234 4.64 8.59 -41.92
C ARG C 234 4.63 7.89 -40.56
N ARG C 235 4.56 6.56 -40.57
CA ARG C 235 4.40 5.78 -39.34
C ARG C 235 3.11 6.17 -38.64
N HIS C 236 2.05 6.38 -39.41
CA HIS C 236 0.75 6.81 -38.93
C HIS C 236 0.79 8.19 -38.29
N GLN C 237 1.90 8.92 -38.40
CA GLN C 237 2.03 10.26 -37.87
C GLN C 237 1.83 11.28 -39.00
N LYS C 238 0.92 12.23 -38.78
CA LYS C 238 0.58 13.19 -39.81
C LYS C 238 1.76 14.11 -40.09
N VAL C 239 1.85 14.55 -41.35
CA VAL C 239 2.82 15.57 -41.76
C VAL C 239 2.09 16.70 -42.44
N VAL C 240 1.19 16.38 -43.37
CA VAL C 240 0.48 17.35 -44.17
C VAL C 240 -1.02 17.11 -44.01
N GLU C 241 -1.78 18.19 -43.85
CA GLU C 241 -3.20 18.11 -43.58
C GLU C 241 -3.94 19.23 -44.29
N GLU C 242 -4.84 18.86 -45.20
CA GLU C 242 -5.55 19.83 -46.02
C GLU C 242 -7.00 19.92 -45.57
N ALA C 243 -7.50 21.15 -45.48
CA ALA C 243 -8.81 21.39 -44.91
C ALA C 243 -9.55 22.48 -45.68
N PRO C 244 -10.71 22.20 -46.27
CA PRO C 244 -11.43 20.94 -46.31
C PRO C 244 -10.70 19.90 -47.15
N ALA C 245 -11.37 18.77 -47.35
CA ALA C 245 -10.81 17.64 -48.09
C ALA C 245 -11.34 17.65 -49.52
N PRO C 246 -10.49 17.34 -50.50
CA PRO C 246 -10.97 17.31 -51.89
C PRO C 246 -12.09 16.30 -52.06
N GLY C 247 -13.07 16.65 -52.89
CA GLY C 247 -14.11 15.73 -53.29
C GLY C 247 -15.21 15.50 -52.28
N ILE C 248 -15.18 16.19 -51.14
CA ILE C 248 -16.24 16.07 -50.15
C ILE C 248 -17.31 17.09 -50.53
N THR C 249 -18.29 16.66 -51.30
CA THR C 249 -19.34 17.56 -51.72
C THR C 249 -20.09 18.07 -50.50
N PRO C 250 -20.70 19.25 -50.58
CA PRO C 250 -21.43 19.76 -49.41
C PRO C 250 -22.50 18.82 -48.93
N GLU C 251 -23.04 17.97 -49.79
CA GLU C 251 -24.05 17.01 -49.35
C GLU C 251 -23.48 16.08 -48.29
N LEU C 252 -22.33 15.46 -48.58
CA LEU C 252 -21.68 14.60 -47.59
C LEU C 252 -21.24 15.40 -46.38
N ARG C 253 -20.69 16.59 -46.61
CA ARG C 253 -20.32 17.46 -45.49
C ARG C 253 -21.46 17.58 -44.50
N ARG C 254 -22.61 18.08 -44.97
CA ARG C 254 -23.74 18.30 -44.07
C ARG C 254 -24.31 16.99 -43.55
N TYR C 255 -24.33 15.95 -44.37
CA TYR C 255 -24.87 14.67 -43.93
C TYR C 255 -24.12 14.15 -42.72
N ILE C 256 -22.80 14.07 -42.80
CA ILE C 256 -22.03 13.56 -41.68
C ILE C 256 -21.99 14.57 -40.55
N GLY C 257 -22.01 15.88 -40.87
CA GLY C 257 -21.96 16.88 -39.83
C GLY C 257 -23.19 16.86 -38.94
N GLU C 258 -24.37 16.65 -39.53
CA GLU C 258 -25.58 16.58 -38.73
C GLU C 258 -25.54 15.40 -37.77
N ARG C 259 -25.07 14.24 -38.25
CA ARG C 259 -24.95 13.08 -37.38
C ARG C 259 -23.95 13.32 -36.27
N CYS C 260 -22.82 13.95 -36.58
CA CYS C 260 -21.81 14.22 -35.55
C CYS C 260 -22.33 15.24 -34.54
N ALA C 261 -23.10 16.23 -35.00
CA ALA C 261 -23.71 17.17 -34.06
C ALA C 261 -24.70 16.46 -33.15
N LYS C 262 -25.52 15.57 -33.71
CA LYS C 262 -26.44 14.80 -32.87
C LYS C 262 -25.67 13.95 -31.87
N ALA C 263 -24.57 13.36 -32.30
CA ALA C 263 -23.75 12.57 -31.37
C ALA C 263 -23.23 13.44 -30.24
N CYS C 264 -22.73 14.63 -30.55
CA CYS C 264 -22.25 15.52 -29.51
C CYS C 264 -23.37 15.89 -28.55
N VAL C 265 -24.58 16.10 -29.07
CA VAL C 265 -25.72 16.40 -28.21
C VAL C 265 -26.02 15.21 -27.30
N ASP C 266 -26.02 14.00 -27.87
CA ASP C 266 -26.34 12.81 -27.07
C ASP C 266 -25.33 12.60 -25.96
N ILE C 267 -24.03 12.61 -26.30
CA ILE C 267 -23.00 12.53 -25.28
C ILE C 267 -22.99 13.76 -24.38
N GLY C 268 -23.76 14.79 -24.72
CA GLY C 268 -23.72 16.04 -23.97
C GLY C 268 -22.34 16.66 -24.01
N TYR C 269 -21.69 16.61 -25.16
CA TYR C 269 -20.27 16.94 -25.24
C TYR C 269 -20.04 18.41 -24.91
N ARG C 270 -18.94 18.67 -24.21
CA ARG C 270 -18.51 20.01 -23.88
C ARG C 270 -17.08 20.20 -24.36
N GLY C 271 -16.80 21.37 -24.91
CA GLY C 271 -15.47 21.67 -25.42
C GLY C 271 -15.32 21.32 -26.89
N ALA C 272 -14.10 21.52 -27.38
CA ALA C 272 -13.76 21.31 -28.78
C ALA C 272 -13.15 19.93 -28.94
N GLY C 273 -13.70 19.15 -29.87
CA GLY C 273 -13.19 17.82 -30.15
C GLY C 273 -13.53 17.43 -31.57
N THR C 274 -12.86 16.38 -32.05
CA THR C 274 -12.92 16.01 -33.46
C THR C 274 -13.17 14.52 -33.61
N PHE C 275 -14.20 14.16 -34.37
CA PHE C 275 -14.52 12.78 -34.66
C PHE C 275 -13.69 12.33 -35.86
N GLU C 276 -12.61 11.59 -35.61
CA GLU C 276 -11.89 11.03 -36.74
C GLU C 276 -12.81 10.11 -37.52
N PHE C 277 -12.38 9.75 -38.74
CA PHE C 277 -13.14 8.84 -39.58
C PHE C 277 -12.18 8.08 -40.46
N LEU C 278 -12.74 7.31 -41.39
CA LEU C 278 -11.99 6.74 -42.50
C LEU C 278 -12.93 6.71 -43.70
N PHE C 279 -12.39 7.03 -44.87
CA PHE C 279 -13.19 7.28 -46.05
C PHE C 279 -12.79 6.35 -47.19
N GLU C 280 -13.79 5.86 -47.92
CA GLU C 280 -13.59 5.20 -49.19
C GLU C 280 -14.95 4.96 -49.82
N ASN C 281 -14.99 4.97 -51.15
CA ASN C 281 -16.21 4.69 -51.91
C ASN C 281 -17.42 5.38 -51.30
N GLY C 282 -17.26 6.64 -50.89
CA GLY C 282 -18.38 7.39 -50.35
C GLY C 282 -18.96 6.85 -49.08
N GLU C 283 -18.12 6.36 -48.17
CA GLU C 283 -18.55 5.83 -46.89
C GLU C 283 -17.67 6.36 -45.77
N PHE C 284 -18.21 6.33 -44.56
CA PHE C 284 -17.50 6.78 -43.37
C PHE C 284 -17.56 5.70 -42.30
N TYR C 285 -16.43 5.45 -41.64
CA TYR C 285 -16.33 4.43 -40.59
C TYR C 285 -15.56 5.04 -39.41
N PHE C 286 -16.30 5.52 -38.41
CA PHE C 286 -15.68 6.12 -37.23
C PHE C 286 -14.50 5.27 -36.77
N ILE C 287 -13.45 5.92 -36.28
CA ILE C 287 -12.32 5.17 -35.73
C ILE C 287 -11.82 5.72 -34.40
N GLU C 288 -12.16 6.93 -33.98
CA GLU C 288 -11.65 7.46 -32.72
C GLU C 288 -12.26 8.85 -32.52
N MET C 289 -12.04 9.40 -31.33
CA MET C 289 -12.35 10.80 -31.05
C MET C 289 -11.23 11.39 -30.22
N ASN C 290 -10.64 12.48 -30.70
CA ASN C 290 -9.58 13.19 -30.00
C ASN C 290 -10.23 14.29 -29.17
N THR C 291 -10.74 13.93 -28.00
CA THR C 291 -11.52 14.85 -27.18
C THR C 291 -10.61 15.94 -26.59
N ARG C 292 -10.12 16.78 -27.49
CA ARG C 292 -9.23 17.88 -27.16
C ARG C 292 -9.24 18.82 -28.36
N ILE C 293 -8.31 19.78 -28.35
CA ILE C 293 -8.06 20.61 -29.53
C ILE C 293 -6.92 19.95 -30.31
N GLN C 294 -7.20 19.58 -31.55
CA GLN C 294 -6.25 18.81 -32.33
C GLN C 294 -5.00 19.66 -32.57
N VAL C 295 -4.07 19.12 -33.37
CA VAL C 295 -2.92 19.91 -33.78
C VAL C 295 -3.23 20.71 -35.03
N GLU C 296 -3.84 20.09 -36.03
CA GLU C 296 -4.29 20.84 -37.20
C GLU C 296 -5.66 21.46 -36.95
N HIS C 297 -5.74 22.33 -35.95
CA HIS C 297 -6.88 23.22 -35.75
C HIS C 297 -6.83 24.43 -36.68
N PRO C 298 -5.66 25.00 -37.00
CA PRO C 298 -5.68 26.24 -37.82
C PRO C 298 -6.43 26.06 -39.13
N VAL C 299 -6.16 24.97 -39.83
CA VAL C 299 -6.69 24.77 -41.17
C VAL C 299 -8.22 24.76 -41.18
N THR C 300 -8.85 24.80 -40.02
CA THR C 300 -10.27 25.10 -39.96
C THR C 300 -10.51 26.54 -39.59
N GLU C 301 -9.58 27.12 -38.84
CA GLU C 301 -9.73 28.53 -38.44
C GLU C 301 -9.65 29.46 -39.65
N MET C 302 -8.69 29.25 -40.57
CA MET C 302 -8.47 30.18 -41.67
C MET C 302 -9.54 30.04 -42.74
N ILE C 303 -10.15 28.86 -42.87
CA ILE C 303 -11.22 28.71 -43.85
C ILE C 303 -12.58 29.02 -43.23
N THR C 304 -12.68 29.03 -41.90
CA THR C 304 -14.00 29.29 -41.30
C THR C 304 -13.99 30.70 -40.70
N GLY C 305 -12.80 31.22 -40.38
CA GLY C 305 -12.71 32.52 -39.76
C GLY C 305 -12.96 32.53 -38.27
N VAL C 306 -13.17 31.37 -37.65
CA VAL C 306 -13.48 31.27 -36.23
C VAL C 306 -12.24 30.78 -35.50
N ASP C 307 -11.89 31.46 -34.41
CA ASP C 307 -10.77 31.05 -33.58
C ASP C 307 -11.24 30.00 -32.59
N LEU C 308 -10.72 28.78 -32.70
CA LEU C 308 -11.23 27.69 -31.89
C LEU C 308 -10.90 27.90 -30.41
N ILE C 309 -9.67 28.30 -30.11
CA ILE C 309 -9.27 28.45 -28.71
C ILE C 309 -10.16 29.47 -28.02
N LYS C 310 -10.52 30.55 -28.72
CA LYS C 310 -11.42 31.53 -28.12
C LYS C 310 -12.78 30.91 -27.85
N GLU C 311 -13.27 30.07 -28.77
CA GLU C 311 -14.53 29.39 -28.52
C GLU C 311 -14.44 28.50 -27.28
N GLN C 312 -13.34 27.78 -27.12
CA GLN C 312 -13.16 26.96 -25.92
C GLN C 312 -13.19 27.83 -24.67
N LEU C 313 -12.39 28.90 -24.65
CA LEU C 313 -12.31 29.73 -23.46
C LEU C 313 -13.66 30.38 -23.16
N ARG C 314 -14.48 30.58 -24.18
CA ARG C 314 -15.82 31.10 -23.94
C ARG C 314 -16.73 30.03 -23.34
N ILE C 315 -16.66 28.81 -23.86
CA ILE C 315 -17.47 27.73 -23.32
C ILE C 315 -17.12 27.50 -21.85
N ALA C 316 -15.83 27.47 -21.56
CA ALA C 316 -15.38 27.25 -20.18
C ALA C 316 -15.89 28.35 -19.26
N ALA C 317 -16.04 29.57 -19.77
CA ALA C 317 -16.63 30.63 -18.97
C ALA C 317 -18.14 30.51 -18.86
N GLY C 318 -18.73 29.44 -19.38
CA GLY C 318 -20.16 29.21 -19.31
C GLY C 318 -20.96 29.79 -20.45
N GLN C 319 -20.34 30.55 -21.33
CA GLN C 319 -21.06 31.13 -22.45
C GLN C 319 -21.48 30.04 -23.42
N PRO C 320 -22.75 29.99 -23.84
CA PRO C 320 -23.13 29.00 -24.87
C PRO C 320 -22.49 29.32 -26.20
N LEU C 321 -22.76 28.52 -27.22
CA LEU C 321 -22.23 28.81 -28.55
C LEU C 321 -22.76 30.14 -29.06
N SER C 322 -21.85 30.99 -29.55
CA SER C 322 -22.21 32.26 -30.15
C SER C 322 -22.24 32.20 -31.66
N ILE C 323 -22.14 31.01 -32.25
CA ILE C 323 -22.10 30.81 -33.69
C ILE C 323 -23.11 29.73 -34.04
N LYS C 324 -24.04 30.04 -34.93
CA LYS C 324 -25.01 29.06 -35.38
C LYS C 324 -24.40 28.15 -36.44
N GLN C 325 -25.10 27.05 -36.72
CA GLN C 325 -24.62 26.12 -37.73
C GLN C 325 -24.66 26.76 -39.12
N GLU C 326 -25.72 27.49 -39.42
CA GLU C 326 -25.85 28.11 -40.74
C GLU C 326 -24.79 29.19 -40.93
N GLU C 327 -24.55 30.02 -39.92
CA GLU C 327 -23.64 31.14 -40.06
C GLU C 327 -22.19 30.72 -40.21
N VAL C 328 -21.88 29.44 -39.98
CA VAL C 328 -20.55 28.93 -40.23
C VAL C 328 -20.39 28.68 -41.72
N HIS C 329 -19.32 29.20 -42.30
CA HIS C 329 -19.06 29.07 -43.73
C HIS C 329 -17.62 28.65 -43.96
N VAL C 330 -17.41 27.84 -44.98
CA VAL C 330 -16.08 27.46 -45.44
C VAL C 330 -15.82 28.23 -46.73
N ARG C 331 -14.87 29.16 -46.67
CA ARG C 331 -14.57 30.04 -47.79
C ARG C 331 -13.15 29.74 -48.25
N GLY C 332 -13.00 28.74 -49.12
CA GLY C 332 -11.74 28.49 -49.77
C GLY C 332 -11.13 27.12 -49.52
N HIS C 333 -9.90 27.10 -49.05
CA HIS C 333 -9.11 25.89 -48.94
C HIS C 333 -7.81 26.20 -48.21
N ALA C 334 -7.27 25.26 -47.46
CA ALA C 334 -6.05 25.50 -46.72
C ALA C 334 -5.11 24.32 -46.86
N VAL C 335 -3.93 24.46 -46.25
CA VAL C 335 -2.93 23.39 -46.18
C VAL C 335 -2.02 23.72 -45.02
N GLU C 336 -1.50 22.67 -44.38
CA GLU C 336 -0.62 22.82 -43.22
C GLU C 336 0.56 21.88 -43.37
N CYS C 337 1.68 22.23 -42.75
CA CYS C 337 2.91 21.45 -42.91
C CYS C 337 3.75 21.57 -41.67
N ARG C 338 3.75 20.54 -40.85
CA ARG C 338 4.50 20.54 -39.61
C ARG C 338 6.00 20.55 -39.88
N ILE C 339 6.75 21.16 -38.96
CA ILE C 339 8.21 21.17 -38.99
C ILE C 339 8.70 20.44 -37.75
N ASN C 340 9.61 19.49 -37.94
CA ASN C 340 10.04 18.62 -36.87
C ASN C 340 11.55 18.46 -36.88
N ALA C 341 12.10 18.22 -35.69
CA ALA C 341 13.55 18.23 -35.47
C ALA C 341 14.22 16.93 -35.85
N GLU C 342 13.54 16.07 -36.62
CA GLU C 342 14.07 14.77 -36.98
C GLU C 342 15.05 14.90 -38.14
N ASP C 343 15.79 13.82 -38.38
CA ASP C 343 16.62 13.75 -39.57
C ASP C 343 15.68 13.59 -40.77
N PRO C 344 15.95 14.23 -41.91
CA PRO C 344 14.98 14.18 -43.00
C PRO C 344 14.66 12.77 -43.48
N ASN C 345 15.59 11.82 -43.31
CA ASN C 345 15.38 10.45 -43.74
C ASN C 345 15.34 9.48 -42.55
N THR C 346 16.37 9.47 -41.71
CA THR C 346 16.44 8.47 -40.65
C THR C 346 15.30 8.62 -39.64
N PHE C 347 14.67 9.79 -39.57
CA PHE C 347 13.59 10.02 -38.63
C PHE C 347 14.07 9.80 -37.19
N LEU C 348 15.28 10.27 -36.92
CA LEU C 348 15.86 10.32 -35.59
C LEU C 348 15.85 11.75 -35.10
N PRO C 349 15.30 12.03 -33.91
CA PRO C 349 15.34 13.41 -33.42
C PRO C 349 16.77 13.92 -33.36
N SER C 350 16.95 15.19 -33.71
CA SER C 350 18.25 15.85 -33.71
C SER C 350 18.14 17.19 -32.98
N PRO C 351 17.88 17.16 -31.68
CA PRO C 351 17.82 18.41 -30.91
C PRO C 351 19.15 19.14 -30.93
N GLY C 352 19.07 20.46 -30.82
CA GLY C 352 20.26 21.27 -30.80
C GLY C 352 19.90 22.74 -30.69
N LYS C 353 20.83 23.59 -31.11
CA LYS C 353 20.63 25.03 -31.11
C LYS C 353 20.33 25.51 -32.53
N ILE C 354 19.48 26.52 -32.64
CA ILE C 354 19.11 27.11 -33.92
C ILE C 354 19.94 28.38 -34.07
N THR C 355 20.95 28.33 -34.96
CA THR C 355 21.80 29.49 -35.16
C THR C 355 21.04 30.62 -35.87
N ARG C 356 20.25 30.27 -36.88
CA ARG C 356 19.64 31.24 -37.76
C ARG C 356 18.21 30.81 -38.09
N PHE C 357 17.31 31.78 -38.17
CA PHE C 357 15.89 31.48 -38.35
C PHE C 357 15.24 32.66 -39.07
N HIS C 358 14.30 32.35 -39.97
CA HIS C 358 13.65 33.41 -40.75
C HIS C 358 12.26 32.95 -41.13
N ALA C 359 11.26 33.61 -40.58
CA ALA C 359 9.88 33.25 -40.84
C ALA C 359 9.54 33.45 -42.31
N PRO C 360 8.56 32.74 -42.83
CA PRO C 360 8.08 33.03 -44.18
C PRO C 360 7.42 34.39 -44.33
N GLY C 361 6.36 34.64 -43.57
CA GLY C 361 5.56 35.82 -43.82
C GLY C 361 4.91 35.75 -45.20
N GLY C 362 4.48 36.89 -45.73
CA GLY C 362 3.78 36.94 -46.99
C GLY C 362 2.30 36.65 -46.81
N PHE C 363 1.53 37.03 -47.81
CA PHE C 363 0.07 36.88 -47.73
C PHE C 363 -0.30 35.43 -47.49
N GLY C 364 -1.33 35.21 -46.66
CA GLY C 364 -1.90 33.85 -46.53
C GLY C 364 -1.00 32.85 -45.87
N VAL C 365 0.16 33.26 -45.36
CA VAL C 365 1.08 32.23 -44.79
C VAL C 365 1.08 32.42 -43.27
N ARG C 366 0.79 31.34 -42.52
CA ARG C 366 0.70 31.49 -41.05
C ARG C 366 1.82 30.67 -40.40
N TRP C 367 2.61 31.30 -39.53
CA TRP C 367 3.73 30.58 -38.88
C TRP C 367 3.49 30.47 -37.38
N GLU C 368 3.17 29.27 -36.93
CA GLU C 368 2.98 29.00 -35.50
C GLU C 368 4.21 28.25 -35.00
N SER C 369 4.92 28.84 -34.05
CA SER C 369 5.95 28.10 -33.33
C SER C 369 6.46 28.98 -32.22
N HIS C 370 7.47 28.47 -31.52
CA HIS C 370 8.16 29.25 -30.51
C HIS C 370 9.64 29.40 -30.81
N ILE C 371 10.16 28.73 -31.83
CA ILE C 371 11.60 28.70 -32.01
C ILE C 371 12.12 30.08 -32.39
N TYR C 372 13.42 30.26 -32.21
CA TYR C 372 14.10 31.51 -32.52
C TYR C 372 15.60 31.28 -32.40
N ALA C 373 16.38 32.27 -32.83
CA ALA C 373 17.83 32.15 -32.76
C ALA C 373 18.28 32.01 -31.32
N GLY C 374 19.27 31.16 -31.09
CA GLY C 374 19.77 30.91 -29.75
C GLY C 374 18.95 29.95 -28.93
N TYR C 375 17.86 29.42 -29.48
CA TYR C 375 16.96 28.54 -28.75
C TYR C 375 17.42 27.11 -28.90
N THR C 376 18.02 26.56 -27.84
CA THR C 376 18.53 25.20 -27.83
C THR C 376 17.35 24.26 -27.64
N VAL C 377 17.01 23.53 -28.70
CA VAL C 377 15.89 22.59 -28.64
C VAL C 377 16.18 21.60 -27.52
N PRO C 378 15.26 21.37 -26.58
CA PRO C 378 15.53 20.42 -25.51
C PRO C 378 15.35 19.00 -26.02
N PRO C 379 16.34 18.12 -25.83
CA PRO C 379 16.21 16.72 -26.24
C PRO C 379 15.36 15.90 -25.26
N TYR C 380 14.16 16.40 -24.96
CA TYR C 380 13.39 15.85 -23.85
C TYR C 380 11.90 15.69 -24.11
N TYR C 381 11.39 16.08 -25.27
CA TYR C 381 9.96 15.94 -25.54
C TYR C 381 9.76 15.73 -27.03
N ASP C 382 8.52 15.93 -27.48
CA ASP C 382 8.15 15.72 -28.86
C ASP C 382 9.07 16.53 -29.77
N SER C 383 9.09 16.20 -31.07
CA SER C 383 10.05 16.78 -32.00
C SER C 383 9.45 17.88 -32.87
N MET C 384 8.25 18.37 -32.55
CA MET C 384 7.61 19.42 -33.33
C MET C 384 8.12 20.79 -32.92
N ILE C 385 8.44 21.61 -33.91
CA ILE C 385 8.92 22.97 -33.65
C ILE C 385 8.23 23.98 -34.54
N GLY C 386 7.09 23.62 -35.11
CA GLY C 386 6.31 24.61 -35.84
C GLY C 386 5.22 24.05 -36.74
N LYS C 387 4.06 24.67 -36.71
CA LYS C 387 2.93 24.30 -37.55
C LYS C 387 2.72 25.42 -38.57
N LEU C 388 3.27 25.24 -39.76
CA LEU C 388 3.23 26.27 -40.80
C LEU C 388 2.02 26.04 -41.70
N ILE C 389 1.47 27.12 -42.24
CA ILE C 389 0.22 27.07 -42.99
C ILE C 389 0.38 27.92 -44.25
N CYS C 390 -0.54 27.72 -45.19
CA CYS C 390 -0.61 28.59 -46.37
C CYS C 390 -2.04 28.55 -46.91
N TYR C 391 -2.83 29.57 -46.58
CA TYR C 391 -4.22 29.60 -47.00
C TYR C 391 -4.33 30.15 -48.40
N GLY C 392 -5.10 29.45 -49.24
CA GLY C 392 -5.36 29.91 -50.59
C GLY C 392 -6.83 29.82 -50.90
N GLU C 393 -7.24 30.57 -51.93
CA GLU C 393 -8.61 30.49 -52.42
C GLU C 393 -8.86 29.20 -53.19
N ASN C 394 -7.81 28.44 -53.50
CA ASN C 394 -7.98 27.09 -54.01
C ASN C 394 -6.71 26.31 -53.70
N ARG C 395 -6.76 25.01 -53.94
CA ARG C 395 -5.66 24.13 -53.57
C ARG C 395 -4.39 24.50 -54.31
N ASP C 396 -4.51 24.87 -55.58
CA ASP C 396 -3.33 25.24 -56.35
C ASP C 396 -2.64 26.45 -55.73
N VAL C 397 -3.41 27.49 -55.43
CA VAL C 397 -2.83 28.70 -54.84
C VAL C 397 -2.18 28.37 -53.50
N ALA C 398 -2.88 27.61 -52.66
CA ALA C 398 -2.34 27.31 -51.34
C ALA C 398 -1.04 26.53 -51.46
N ILE C 399 -1.00 25.52 -52.33
CA ILE C 399 0.28 24.77 -52.55
C ILE C 399 1.35 25.75 -53.04
N ALA C 400 0.95 26.60 -53.98
CA ALA C 400 1.98 27.50 -54.54
C ALA C 400 2.60 28.27 -53.39
N ARG C 401 1.77 28.90 -52.57
CA ARG C 401 2.31 29.73 -51.47
C ARG C 401 3.20 28.84 -50.61
N MET C 402 2.75 27.62 -50.34
CA MET C 402 3.52 26.74 -49.44
C MET C 402 4.91 26.63 -50.06
N LYS C 403 4.95 26.32 -51.35
CA LYS C 403 6.25 26.16 -51.99
C LYS C 403 7.10 27.39 -51.79
N ASN C 404 6.52 28.56 -52.03
CA ASN C 404 7.26 29.81 -51.88
C ASN C 404 7.73 29.99 -50.44
N ALA C 405 6.83 29.78 -49.48
CA ALA C 405 7.19 29.96 -48.07
C ALA C 405 8.32 29.03 -47.68
N LEU C 406 8.19 27.75 -48.05
CA LEU C 406 9.25 26.80 -47.74
C LEU C 406 10.57 27.24 -48.38
N GLN C 407 10.51 27.79 -49.58
CA GLN C 407 11.71 28.36 -50.19
C GLN C 407 12.30 29.42 -49.27
N GLU C 408 11.47 30.35 -48.81
CA GLU C 408 11.97 31.44 -47.97
C GLU C 408 12.56 30.90 -46.68
N LEU C 409 11.95 29.87 -46.11
CA LEU C 409 12.24 29.49 -44.74
C LEU C 409 13.67 28.98 -44.59
N ILE C 410 14.33 29.42 -43.53
CA ILE C 410 15.67 28.97 -43.17
C ILE C 410 15.65 28.64 -41.69
N ILE C 411 16.07 27.41 -41.36
CA ILE C 411 16.25 26.99 -39.97
C ILE C 411 17.57 26.23 -39.92
N ASP C 412 18.56 26.78 -39.24
CA ASP C 412 19.93 26.29 -39.31
C ASP C 412 20.43 25.94 -37.93
N GLY C 413 21.24 24.87 -37.87
CA GLY C 413 21.77 24.32 -36.64
C GLY C 413 21.26 22.92 -36.33
N ILE C 414 20.04 22.62 -36.78
CA ILE C 414 19.43 21.31 -36.56
C ILE C 414 18.76 20.87 -37.85
N LYS C 415 18.99 19.64 -38.25
CA LYS C 415 18.33 19.09 -39.41
C LYS C 415 16.83 19.08 -39.18
N THR C 416 16.07 19.14 -40.27
CA THR C 416 14.62 19.27 -40.16
C THR C 416 13.97 18.69 -41.41
N ASN C 417 12.65 18.54 -41.33
CA ASN C 417 11.88 17.90 -42.39
C ASN C 417 11.35 18.91 -43.40
N VAL C 418 12.22 19.77 -43.92
CA VAL C 418 11.81 20.73 -44.93
C VAL C 418 11.97 20.15 -46.33
N ASP C 419 13.08 19.45 -46.56
CA ASP C 419 13.31 18.81 -47.85
C ASP C 419 12.14 17.91 -48.20
N LEU C 420 11.71 17.10 -47.24
CA LEU C 420 10.61 16.18 -47.47
C LEU C 420 9.32 16.95 -47.78
N GLN C 421 9.09 18.06 -47.08
CA GLN C 421 7.91 18.86 -47.35
C GLN C 421 7.92 19.41 -48.77
N ILE C 422 9.07 19.91 -49.21
CA ILE C 422 9.18 20.41 -50.58
C ILE C 422 8.89 19.28 -51.56
N ARG C 423 9.48 18.11 -51.31
CA ARG C 423 9.33 17.01 -52.24
C ARG C 423 7.88 16.52 -52.31
N ILE C 424 7.20 16.49 -51.16
CA ILE C 424 5.78 16.15 -51.16
C ILE C 424 4.99 17.18 -51.94
N MET C 425 5.29 18.47 -51.72
CA MET C 425 4.56 19.53 -52.38
C MET C 425 4.71 19.42 -53.90
N ASN C 426 5.92 19.12 -54.36
CA ASN C 426 6.14 18.96 -55.80
C ASN C 426 5.50 17.70 -56.36
N ASP C 427 5.11 16.75 -55.51
CA ASP C 427 4.56 15.49 -55.99
C ASP C 427 3.31 15.72 -56.83
N GLU C 428 3.24 15.05 -57.98
CA GLU C 428 2.13 15.25 -58.90
C GLU C 428 0.81 14.82 -58.27
N ASN C 429 0.74 13.59 -57.75
CA ASN C 429 -0.51 13.10 -57.20
C ASN C 429 -0.97 13.99 -56.05
N PHE C 430 -0.05 14.38 -55.18
CA PHE C 430 -0.43 15.24 -54.07
C PHE C 430 -1.02 16.55 -54.56
N GLN C 431 -0.41 17.14 -55.59
CA GLN C 431 -0.96 18.36 -56.16
C GLN C 431 -2.35 18.11 -56.74
N HIS C 432 -2.57 16.94 -57.32
CA HIS C 432 -3.94 16.60 -57.72
C HIS C 432 -4.85 16.54 -56.50
N GLY C 433 -4.38 15.91 -55.43
CA GLY C 433 -5.16 15.83 -54.21
C GLY C 433 -6.12 14.66 -54.17
N GLY C 434 -6.04 13.86 -53.11
CA GLY C 434 -6.93 12.72 -52.94
C GLY C 434 -6.21 11.39 -52.77
N THR C 435 -4.95 11.44 -52.37
CA THR C 435 -4.20 10.20 -52.19
C THR C 435 -4.72 9.43 -50.98
N ASN C 436 -4.46 8.13 -50.98
CA ASN C 436 -4.76 7.30 -49.83
C ASN C 436 -3.74 7.57 -48.73
N ILE C 437 -4.08 7.17 -47.51
CA ILE C 437 -3.18 7.45 -46.37
C ILE C 437 -1.79 6.88 -46.69
N HIS C 438 -1.73 5.69 -47.28
CA HIS C 438 -0.43 5.01 -47.54
C HIS C 438 0.44 5.82 -48.51
N TYR C 439 -0.18 6.62 -49.37
CA TYR C 439 0.60 7.30 -50.44
C TYR C 439 2.05 7.52 -50.00
N LEU C 440 2.28 8.27 -48.93
CA LEU C 440 3.67 8.60 -48.54
C LEU C 440 4.43 7.32 -48.19
N GLU C 441 3.82 6.41 -47.43
CA GLU C 441 4.45 5.11 -47.04
C GLU C 441 4.88 4.32 -48.29
N LYS C 442 4.07 4.33 -49.34
CA LYS C 442 4.37 3.56 -50.56
C LYS C 442 5.52 4.24 -51.32
N LYS C 443 5.54 5.57 -51.32
CA LYS C 443 6.61 6.33 -52.02
C LYS C 443 7.93 5.95 -51.35
N LEU C 444 7.91 5.82 -50.03
CA LEU C 444 9.14 5.40 -49.31
C LEU C 444 9.85 4.32 -50.16
N GLY C 445 9.10 3.42 -50.78
CA GLY C 445 9.80 2.40 -51.54
C GLY C 445 10.20 1.22 -50.68
N LEU C 446 11.15 0.46 -51.22
CA LEU C 446 11.64 -0.74 -50.55
C LEU C 446 13.11 -0.93 -50.93
N GLN C 447 13.62 -2.14 -50.66
CA GLN C 447 15.04 -2.41 -50.84
C GLN C 447 15.44 -2.27 -52.30
N GLU C 448 16.72 -1.93 -52.51
CA GLU C 448 17.28 -1.84 -53.85
C GLU C 448 18.62 -2.55 -53.87
N LYS C 449 18.98 -3.07 -55.04
CA LYS C 449 20.22 -3.82 -55.20
C LYS C 449 21.29 -2.98 -55.89
N SER D 1 13.09 43.86 -25.47
CA SER D 1 13.17 42.54 -26.15
C SER D 1 12.71 41.43 -25.21
N TRP D 2 11.55 40.83 -25.51
CA TRP D 2 11.03 39.78 -24.65
C TRP D 2 12.01 38.62 -24.51
N ILE D 3 12.88 38.41 -25.49
CA ILE D 3 13.82 37.30 -25.40
C ILE D 3 14.63 37.38 -24.12
N GLU D 4 14.87 38.60 -23.63
CA GLU D 4 15.57 38.81 -22.37
C GLU D 4 14.62 39.54 -21.43
N ARG D 5 14.09 38.80 -20.46
CA ARG D 5 13.11 39.33 -19.52
C ARG D 5 13.74 39.52 -18.14
N ILE D 6 12.90 39.87 -17.18
CA ILE D 6 13.39 40.20 -15.85
C ILE D 6 13.28 39.03 -14.86
N LYS D 7 12.55 37.97 -15.19
CA LYS D 7 12.34 36.85 -14.30
C LYS D 7 11.71 37.31 -12.99
N SER D 8 10.53 37.91 -13.10
CA SER D 8 9.86 38.48 -11.96
C SER D 8 9.34 37.40 -11.02
N ASN D 9 9.03 37.81 -9.80
CA ASN D 9 8.49 36.93 -8.78
C ASN D 9 6.97 36.95 -8.81
N ILE D 10 6.36 36.04 -8.05
CA ILE D 10 4.90 35.91 -8.00
C ILE D 10 4.37 36.77 -6.87
N THR D 11 3.12 37.20 -7.02
CA THR D 11 2.48 38.06 -6.03
C THR D 11 1.85 37.19 -4.94
N PRO D 12 2.22 37.37 -3.67
CA PRO D 12 1.68 36.50 -2.62
C PRO D 12 0.19 36.69 -2.38
N THR D 13 -0.34 37.88 -2.64
CA THR D 13 -1.73 38.17 -2.26
C THR D 13 -2.69 37.20 -2.90
N ARG D 14 -2.39 36.73 -4.11
CA ARG D 14 -3.30 35.82 -4.79
C ARG D 14 -3.54 34.59 -3.92
N LYS D 15 -4.81 34.17 -3.84
CA LYS D 15 -5.21 33.15 -2.88
C LYS D 15 -6.37 32.35 -3.42
N ALA D 16 -6.18 31.03 -3.52
CA ALA D 16 -7.21 30.10 -3.93
C ALA D 16 -7.38 29.04 -2.86
N SER D 17 -8.61 28.55 -2.71
CA SER D 17 -8.96 27.60 -1.67
C SER D 17 -9.26 26.25 -2.29
N ILE D 18 -8.52 25.22 -1.87
CA ILE D 18 -8.79 23.85 -2.27
C ILE D 18 -9.46 23.14 -1.09
N PRO D 19 -10.43 22.25 -1.32
CA PRO D 19 -11.02 21.54 -0.18
C PRO D 19 -9.97 20.73 0.57
N GLU D 20 -10.18 20.61 1.88
CA GLU D 20 -9.17 19.98 2.74
C GLU D 20 -9.09 18.48 2.48
N GLY D 21 -10.23 17.80 2.46
CA GLY D 21 -10.25 16.35 2.37
C GLY D 21 -10.40 15.84 0.95
N VAL D 22 -9.54 16.32 0.04
CA VAL D 22 -9.60 15.82 -1.36
C VAL D 22 -8.19 15.42 -1.82
N TRP D 23 -7.19 15.69 -1.00
CA TRP D 23 -5.80 15.39 -1.35
C TRP D 23 -5.09 14.79 -0.16
N THR D 24 -4.51 13.61 -0.35
CA THR D 24 -3.79 12.87 0.67
C THR D 24 -2.37 12.59 0.21
N LYS D 25 -1.57 12.00 1.09
CA LYS D 25 -0.15 11.78 0.84
C LYS D 25 0.21 10.32 1.11
N CYS D 26 1.29 9.87 0.48
CA CYS D 26 1.87 8.56 0.74
C CYS D 26 3.30 8.75 1.23
N ASP D 27 3.51 8.60 2.53
CA ASP D 27 4.83 8.80 3.09
C ASP D 27 5.84 7.78 2.59
N SER D 28 5.36 6.62 2.10
CA SER D 28 6.28 5.60 1.61
C SER D 28 7.09 6.13 0.43
N CYS D 29 6.45 6.87 -0.47
CA CYS D 29 7.13 7.42 -1.64
C CYS D 29 7.11 8.94 -1.71
N GLY D 30 6.17 9.59 -1.01
CA GLY D 30 6.11 11.05 -0.99
C GLY D 30 5.21 11.67 -2.03
N GLN D 31 4.67 10.88 -2.97
CA GLN D 31 3.80 11.44 -3.99
C GLN D 31 2.44 11.78 -3.40
N VAL D 32 2.06 13.05 -3.47
CA VAL D 32 0.71 13.43 -3.10
C VAL D 32 -0.27 12.63 -3.96
N LEU D 33 -1.46 12.40 -3.43
CA LEU D 33 -2.43 11.55 -4.09
C LEU D 33 -3.82 12.15 -4.00
N TYR D 34 -4.67 11.74 -4.94
CA TYR D 34 -6.07 12.15 -4.94
C TYR D 34 -6.86 11.19 -4.07
N ARG D 35 -7.39 11.70 -2.95
CA ARG D 35 -7.97 10.82 -1.94
C ARG D 35 -8.96 9.84 -2.53
N ALA D 36 -9.81 10.30 -3.46
CA ALA D 36 -10.80 9.39 -4.04
C ALA D 36 -10.13 8.31 -4.88
N GLU D 37 -9.01 8.63 -5.52
CA GLU D 37 -8.29 7.62 -6.28
C GLU D 37 -7.70 6.56 -5.36
N LEU D 38 -7.00 7.00 -4.32
CA LEU D 38 -6.43 6.06 -3.35
C LEU D 38 -7.52 5.19 -2.74
N GLU D 39 -8.62 5.81 -2.30
CA GLU D 39 -9.74 5.09 -1.73
C GLU D 39 -10.41 4.17 -2.72
N ARG D 40 -10.32 4.45 -4.02
CA ARG D 40 -10.88 3.55 -5.02
C ARG D 40 -9.91 2.44 -5.39
N ASN D 41 -8.61 2.67 -5.24
CA ASN D 41 -7.62 1.60 -5.40
C ASN D 41 -7.31 0.93 -4.07
N LEU D 42 -8.36 0.55 -3.34
CA LEU D 42 -8.26 -0.13 -2.06
C LEU D 42 -7.05 0.33 -1.26
N GLU D 43 -6.99 1.63 -1.02
CA GLU D 43 -6.01 2.23 -0.11
C GLU D 43 -4.58 1.84 -0.51
N VAL D 44 -4.37 1.66 -1.81
CA VAL D 44 -3.07 1.28 -2.36
C VAL D 44 -2.53 2.46 -3.13
N CYS D 45 -1.41 3.02 -2.67
CA CYS D 45 -0.74 4.09 -3.40
C CYS D 45 -0.40 3.62 -4.80
N PRO D 46 -1.11 4.06 -5.84
CA PRO D 46 -0.81 3.57 -7.20
C PRO D 46 0.57 3.95 -7.68
N LYS D 47 1.25 4.91 -7.04
CA LYS D 47 2.59 5.28 -7.46
C LYS D 47 3.60 4.20 -7.10
N CYS D 48 3.76 3.90 -5.81
CA CYS D 48 4.69 2.89 -5.34
C CYS D 48 3.98 1.62 -4.88
N ASP D 49 2.66 1.52 -5.08
CA ASP D 49 1.90 0.31 -4.77
C ASP D 49 2.07 -0.12 -3.32
N HIS D 50 2.38 0.84 -2.45
CA HIS D 50 2.61 0.55 -1.03
C HIS D 50 1.29 0.47 -0.29
N HIS D 51 0.99 -0.70 0.27
CA HIS D 51 -0.25 -0.86 1.00
C HIS D 51 -0.27 0.02 2.26
N MET D 52 -1.47 0.43 2.64
CA MET D 52 -1.69 1.30 3.79
C MET D 52 -2.80 0.73 4.65
N ARG D 53 -3.14 1.46 5.70
CA ARG D 53 -4.23 1.05 6.57
C ARG D 53 -5.56 1.11 5.84
N MET D 54 -6.48 0.25 6.23
CA MET D 54 -7.86 0.30 5.77
C MET D 54 -8.77 0.08 6.96
N THR D 55 -9.94 0.71 6.91
CA THR D 55 -10.91 0.54 7.98
C THR D 55 -11.48 -0.87 7.96
N ALA D 56 -11.72 -1.42 9.15
CA ALA D 56 -12.26 -2.76 9.25
C ALA D 56 -13.57 -2.88 8.49
N ARG D 57 -14.49 -1.94 8.73
CA ARG D 57 -15.76 -1.97 8.02
C ARG D 57 -15.55 -1.81 6.53
N ASN D 58 -14.64 -0.92 6.12
CA ASN D 58 -14.33 -0.77 4.71
C ASN D 58 -13.77 -2.05 4.13
N ARG D 59 -12.88 -2.72 4.86
CA ARG D 59 -12.31 -3.98 4.36
C ARG D 59 -13.40 -5.03 4.17
N LEU D 60 -14.25 -5.19 5.19
CA LEU D 60 -15.32 -6.18 5.11
C LEU D 60 -16.24 -5.88 3.93
N HIS D 61 -16.60 -4.61 3.75
CA HIS D 61 -17.42 -4.24 2.59
C HIS D 61 -16.69 -4.56 1.30
N SER D 62 -15.39 -4.24 1.24
CA SER D 62 -14.63 -4.47 0.02
C SER D 62 -14.71 -5.92 -0.40
N LEU D 63 -14.49 -6.83 0.55
CA LEU D 63 -14.54 -8.25 0.22
C LEU D 63 -15.97 -8.71 -0.02
N LEU D 64 -16.81 -8.61 1.01
CA LEU D 64 -18.15 -9.15 0.91
C LEU D 64 -18.94 -8.46 -0.19
N ASP D 65 -19.97 -9.15 -0.67
CA ASP D 65 -20.90 -8.56 -1.61
C ASP D 65 -21.75 -7.51 -0.91
N GLU D 66 -22.47 -6.72 -1.70
CA GLU D 66 -23.23 -5.61 -1.16
C GLU D 66 -24.65 -6.04 -0.84
N GLY D 67 -25.14 -5.59 0.32
CA GLY D 67 -26.50 -5.87 0.75
C GLY D 67 -26.68 -7.15 1.53
N SER D 68 -25.64 -7.99 1.63
CA SER D 68 -25.70 -9.23 2.39
C SER D 68 -24.93 -9.15 3.70
N LEU D 69 -24.37 -7.99 4.04
CA LEU D 69 -23.56 -7.86 5.23
C LEU D 69 -24.40 -8.01 6.50
N VAL D 70 -23.86 -8.74 7.47
CA VAL D 70 -24.53 -8.98 8.73
C VAL D 70 -23.46 -9.01 9.81
N GLU D 71 -23.43 -8.00 10.67
CA GLU D 71 -22.44 -7.94 11.73
C GLU D 71 -22.76 -8.95 12.82
N LEU D 72 -21.70 -9.48 13.44
CA LEU D 72 -21.82 -10.49 14.49
C LEU D 72 -21.08 -10.02 15.73
N GLY D 73 -21.59 -10.41 16.89
CA GLY D 73 -20.95 -10.04 18.14
C GLY D 73 -20.90 -8.54 18.35
N SER D 74 -21.96 -7.83 17.97
CA SER D 74 -22.00 -6.38 18.15
C SER D 74 -22.35 -5.97 19.56
N GLU D 75 -22.95 -6.87 20.35
CA GLU D 75 -23.31 -6.56 21.73
C GLU D 75 -22.16 -6.77 22.70
N LEU D 76 -21.05 -7.37 22.25
CA LEU D 76 -19.90 -7.59 23.12
C LEU D 76 -19.09 -6.31 23.19
N GLU D 77 -18.87 -5.83 24.41
CA GLU D 77 -18.09 -4.62 24.64
C GLU D 77 -17.13 -4.84 25.79
N PRO D 78 -16.05 -4.08 25.84
CA PRO D 78 -15.09 -4.24 26.94
C PRO D 78 -15.76 -4.05 28.29
N LYS D 79 -15.34 -4.88 29.25
CA LYS D 79 -15.87 -4.84 30.61
C LYS D 79 -14.73 -4.95 31.61
N ASP D 80 -13.71 -4.09 31.39
CA ASP D 80 -12.47 -4.13 32.21
C ASP D 80 -12.78 -4.43 33.68
N VAL D 81 -12.02 -5.37 34.25
CA VAL D 81 -12.16 -5.68 35.69
C VAL D 81 -10.79 -5.42 36.34
N LEU D 82 -9.71 -5.47 35.54
CA LEU D 82 -8.35 -5.31 36.10
C LEU D 82 -8.08 -3.84 36.43
N LYS D 83 -9.02 -2.95 36.11
CA LYS D 83 -8.89 -1.54 36.46
C LYS D 83 -7.44 -1.09 36.31
N PHE D 84 -6.78 -1.59 35.27
CA PHE D 84 -5.35 -1.38 35.12
C PHE D 84 -5.01 0.10 35.24
N ARG D 85 -4.09 0.42 36.15
CA ARG D 85 -3.68 1.78 36.42
C ARG D 85 -2.30 2.00 35.81
N ASP D 86 -2.28 2.40 34.55
CA ASP D 86 -1.07 2.74 33.83
C ASP D 86 -0.80 4.23 34.02
N SER D 87 0.11 4.81 33.22
CA SER D 87 0.21 6.25 33.15
C SER D 87 -1.17 6.85 32.89
N LYS D 88 -1.96 6.21 32.03
CA LYS D 88 -3.38 6.44 31.93
C LYS D 88 -4.13 5.30 32.61
N LYS D 89 -5.42 5.47 32.77
CA LYS D 89 -6.29 4.41 33.29
C LYS D 89 -6.83 3.63 32.11
N TYR D 90 -6.75 2.30 32.22
CA TYR D 90 -7.15 1.46 31.08
C TYR D 90 -8.54 1.79 30.58
N LYS D 91 -9.44 2.17 31.48
CA LYS D 91 -10.75 2.64 31.02
C LYS D 91 -10.60 3.88 30.16
N ASP D 92 -9.64 4.75 30.49
CA ASP D 92 -9.43 5.95 29.68
C ASP D 92 -9.08 5.58 28.24
N ARG D 93 -8.10 4.70 28.06
CA ARG D 93 -7.70 4.29 26.72
C ARG D 93 -8.84 3.53 26.03
N LEU D 94 -9.54 2.68 26.78
CA LEU D 94 -10.67 1.96 26.21
C LEU D 94 -11.68 2.93 25.60
N ALA D 95 -12.12 3.91 26.40
CA ALA D 95 -13.12 4.86 25.90
C ALA D 95 -12.56 5.71 24.77
N SER D 96 -11.31 6.16 24.91
CA SER D 96 -10.73 7.02 23.88
C SER D 96 -10.69 6.30 22.54
N ALA D 97 -10.20 5.06 22.53
CA ALA D 97 -10.16 4.30 21.29
C ALA D 97 -11.56 4.04 20.77
N GLN D 98 -12.50 3.69 21.66
CA GLN D 98 -13.85 3.37 21.20
C GLN D 98 -14.48 4.55 20.50
N LYS D 99 -14.30 5.76 21.04
CA LYS D 99 -14.90 6.93 20.41
C LYS D 99 -14.11 7.37 19.19
N GLU D 100 -12.78 7.26 19.22
CA GLU D 100 -11.96 7.70 18.10
C GLU D 100 -12.18 6.84 16.86
N THR D 101 -12.29 5.53 17.04
CA THR D 101 -12.42 4.62 15.91
C THR D 101 -13.86 4.29 15.58
N GLY D 102 -14.79 4.53 16.49
CA GLY D 102 -16.18 4.19 16.26
C GLY D 102 -16.49 2.71 16.37
N GLU D 103 -15.58 1.91 16.92
CA GLU D 103 -15.78 0.48 17.08
C GLU D 103 -15.53 0.09 18.53
N LYS D 104 -16.27 -0.92 19.00
CA LYS D 104 -16.16 -1.32 20.40
C LYS D 104 -14.79 -1.89 20.71
N ASP D 105 -14.24 -2.72 19.83
CA ASP D 105 -12.95 -3.35 20.05
C ASP D 105 -12.23 -3.44 18.71
N ALA D 106 -11.06 -4.07 18.72
CA ALA D 106 -10.23 -4.15 17.52
C ALA D 106 -10.92 -4.95 16.43
N LEU D 107 -11.53 -6.08 16.82
CA LEU D 107 -12.10 -7.03 15.83
C LEU D 107 -13.56 -6.75 15.46
N VAL D 108 -13.89 -6.84 14.18
CA VAL D 108 -15.26 -6.74 13.69
C VAL D 108 -15.55 -8.01 12.90
N VAL D 109 -16.76 -8.52 13.06
CA VAL D 109 -17.20 -9.75 12.38
C VAL D 109 -18.48 -9.43 11.63
N MET D 110 -18.54 -9.86 10.37
CA MET D 110 -19.71 -9.59 9.53
C MET D 110 -19.95 -10.78 8.60
N LYS D 111 -20.93 -11.61 8.95
CA LYS D 111 -21.36 -12.66 8.05
C LYS D 111 -21.82 -12.06 6.73
N GLY D 112 -21.51 -12.74 5.63
CA GLY D 112 -21.85 -12.25 4.31
C GLY D 112 -21.84 -13.32 3.27
N THR D 113 -21.58 -12.92 2.04
CA THR D 113 -21.58 -13.82 0.89
C THR D 113 -20.49 -13.37 -0.07
N LEU D 114 -19.87 -14.33 -0.75
CA LEU D 114 -18.84 -14.07 -1.73
C LEU D 114 -19.26 -14.71 -3.04
N TYR D 115 -19.54 -13.88 -4.05
CA TYR D 115 -19.94 -14.36 -5.36
C TYR D 115 -21.06 -15.40 -5.24
N GLY D 116 -22.01 -15.12 -4.35
CA GLY D 116 -23.12 -16.02 -4.12
C GLY D 116 -22.82 -17.17 -3.18
N MET D 117 -21.64 -17.22 -2.57
CA MET D 117 -21.26 -18.31 -1.69
C MET D 117 -21.21 -17.80 -0.26
N PRO D 118 -21.95 -18.39 0.68
CA PRO D 118 -21.93 -17.89 2.06
C PRO D 118 -20.53 -17.97 2.65
N VAL D 119 -20.19 -16.99 3.48
CA VAL D 119 -18.87 -16.88 4.07
C VAL D 119 -18.96 -15.98 5.28
N VAL D 120 -18.00 -16.11 6.18
CA VAL D 120 -17.89 -15.26 7.35
C VAL D 120 -16.50 -14.62 7.31
N ALA D 121 -16.45 -13.31 7.53
CA ALA D 121 -15.20 -12.58 7.49
C ALA D 121 -15.03 -11.80 8.79
N ALA D 122 -13.85 -11.21 8.94
CA ALA D 122 -13.55 -10.38 10.09
C ALA D 122 -12.22 -9.70 9.84
N ALA D 123 -11.87 -8.76 10.70
CA ALA D 123 -10.61 -8.04 10.55
C ALA D 123 -10.33 -7.26 11.82
N PHE D 124 -9.10 -6.77 11.91
CA PHE D 124 -8.63 -6.01 13.07
C PHE D 124 -8.49 -4.55 12.70
N GLU D 125 -8.94 -3.68 13.60
CA GLU D 125 -8.77 -2.24 13.44
C GLU D 125 -7.54 -1.84 14.25
N PHE D 126 -6.38 -1.84 13.59
CA PHE D 126 -5.13 -1.67 14.32
C PHE D 126 -5.11 -0.39 15.13
N ALA D 127 -5.89 0.62 14.74
CA ALA D 127 -5.93 1.86 15.48
C ALA D 127 -6.36 1.66 16.93
N PHE D 128 -7.11 0.61 17.21
CA PHE D 128 -7.66 0.36 18.55
C PHE D 128 -6.57 -0.22 19.44
N MET D 129 -5.85 0.67 20.13
CA MET D 129 -4.84 0.26 21.11
C MET D 129 -3.89 -0.79 20.52
N GLY D 130 -3.43 -0.53 19.30
CA GLY D 130 -2.62 -1.53 18.63
C GLY D 130 -3.38 -2.76 18.25
N GLY D 131 -4.71 -2.65 18.11
CA GLY D 131 -5.51 -3.80 17.68
C GLY D 131 -5.33 -5.02 18.55
N SER D 132 -5.08 -4.82 19.84
CA SER D 132 -4.76 -5.94 20.71
C SER D 132 -5.94 -6.91 20.81
N MET D 133 -5.62 -8.18 21.01
CA MET D 133 -6.62 -9.23 21.14
C MET D 133 -7.17 -9.19 22.56
N GLY D 134 -8.19 -8.35 22.76
CA GLY D 134 -8.88 -8.28 24.03
C GLY D 134 -9.86 -9.42 24.20
N SER D 135 -10.44 -9.49 25.40
CA SER D 135 -11.45 -10.51 25.67
C SER D 135 -12.55 -10.48 24.61
N VAL D 136 -13.01 -9.29 24.24
CA VAL D 136 -14.04 -9.17 23.23
C VAL D 136 -13.54 -9.69 21.89
N VAL D 137 -12.25 -9.49 21.61
CA VAL D 137 -11.69 -9.97 20.34
C VAL D 137 -11.85 -11.48 20.25
N GLY D 138 -11.41 -12.20 21.27
CA GLY D 138 -11.54 -13.65 21.26
C GLY D 138 -12.99 -14.09 21.29
N ALA D 139 -13.83 -13.37 22.03
CA ALA D 139 -15.24 -13.75 22.09
C ALA D 139 -15.91 -13.61 20.72
N ARG D 140 -15.62 -12.53 20.01
CA ARG D 140 -16.15 -12.36 18.67
C ARG D 140 -15.57 -13.39 17.71
N PHE D 141 -14.29 -13.74 17.90
CA PHE D 141 -13.69 -14.79 17.09
C PHE D 141 -14.44 -16.10 17.29
N VAL D 142 -14.73 -16.44 18.55
CA VAL D 142 -15.49 -17.65 18.84
C VAL D 142 -16.88 -17.56 18.23
N ARG D 143 -17.50 -16.38 18.31
CA ARG D 143 -18.83 -16.22 17.73
C ARG D 143 -18.81 -16.48 16.23
N ALA D 144 -17.82 -15.91 15.54
CA ALA D 144 -17.71 -16.12 14.10
C ALA D 144 -17.46 -17.58 13.77
N VAL D 145 -16.57 -18.22 14.51
CA VAL D 145 -16.27 -19.62 14.24
C VAL D 145 -17.49 -20.48 14.49
N GLU D 146 -18.26 -20.16 15.53
CA GLU D 146 -19.49 -20.89 15.81
C GLU D 146 -20.51 -20.69 14.69
N GLN D 147 -20.61 -19.46 14.18
CA GLN D 147 -21.50 -19.20 13.06
C GLN D 147 -21.08 -20.03 11.85
N ALA D 148 -19.78 -20.11 11.59
CA ALA D 148 -19.28 -20.89 10.46
C ALA D 148 -19.58 -22.37 10.65
N LEU D 149 -19.43 -22.86 11.88
CA LEU D 149 -19.68 -24.28 12.15
C LEU D 149 -21.15 -24.61 11.98
N GLU D 150 -22.05 -23.81 12.56
CA GLU D 150 -23.46 -24.10 12.46
C GLU D 150 -23.95 -24.04 11.03
N ASP D 151 -23.48 -23.06 10.25
CA ASP D 151 -23.85 -22.91 8.85
C ASP D 151 -22.61 -23.18 8.01
N ASN D 152 -22.66 -24.26 7.23
CA ASN D 152 -21.48 -24.69 6.48
C ASN D 152 -21.04 -23.59 5.52
N CYS D 153 -19.89 -22.98 5.81
CA CYS D 153 -19.40 -21.86 5.02
C CYS D 153 -17.98 -21.53 5.46
N PRO D 154 -17.04 -21.39 4.54
CA PRO D 154 -15.69 -20.99 4.92
C PRO D 154 -15.69 -19.76 5.82
N LEU D 155 -14.69 -19.66 6.69
CA LEU D 155 -14.52 -18.52 7.57
C LEU D 155 -13.17 -17.89 7.25
N ILE D 156 -13.16 -16.57 7.11
CA ILE D 156 -11.95 -15.84 6.73
C ILE D 156 -11.71 -14.74 7.75
N CYS D 157 -10.45 -14.35 7.90
CA CYS D 157 -10.07 -13.27 8.79
C CYS D 157 -8.83 -12.59 8.26
N PHE D 158 -8.58 -11.38 8.75
CA PHE D 158 -7.39 -10.62 8.40
C PHE D 158 -6.71 -10.19 9.70
N SER D 159 -5.39 -10.22 9.70
CA SER D 159 -4.60 -10.03 10.91
C SER D 159 -3.98 -8.64 10.90
N ALA D 160 -4.17 -7.90 12.00
CA ALA D 160 -3.52 -6.60 12.19
C ALA D 160 -3.51 -6.33 13.69
N SER D 161 -2.36 -6.53 14.32
CA SER D 161 -2.25 -6.31 15.76
C SER D 161 -0.78 -6.20 16.14
N GLY D 162 -0.54 -5.47 17.23
CA GLY D 162 0.78 -5.31 17.78
C GLY D 162 1.08 -6.23 18.94
N GLY D 163 0.11 -7.04 19.36
CA GLY D 163 0.28 -7.96 20.46
C GLY D 163 -1.00 -8.04 21.26
N ALA D 164 -1.00 -8.96 22.23
CA ALA D 164 -2.18 -9.14 23.06
C ALA D 164 -2.39 -7.93 23.96
N ARG D 165 -3.61 -7.77 24.44
CA ARG D 165 -4.00 -6.60 25.23
C ARG D 165 -3.34 -6.71 26.60
N MET D 166 -2.24 -5.98 26.79
CA MET D 166 -1.50 -6.05 28.04
C MET D 166 -2.38 -5.69 29.23
N GLN D 167 -3.17 -4.63 29.10
CA GLN D 167 -3.90 -4.12 30.25
C GLN D 167 -4.82 -5.18 30.86
N GLU D 168 -5.28 -6.13 30.05
CA GLU D 168 -6.06 -7.25 30.57
C GLU D 168 -5.18 -8.40 31.07
N ALA D 169 -3.87 -8.28 30.95
CA ALA D 169 -2.92 -9.23 31.54
C ALA D 169 -3.26 -10.63 31.03
N LEU D 170 -3.30 -11.64 31.91
CA LEU D 170 -3.40 -13.02 31.45
C LEU D 170 -4.74 -13.33 30.81
N MET D 171 -5.74 -12.46 30.95
CA MET D 171 -7.03 -12.71 30.32
C MET D 171 -6.91 -12.75 28.80
N SER D 172 -6.11 -11.85 28.23
CA SER D 172 -5.89 -11.87 26.79
C SER D 172 -5.10 -13.10 26.37
N LEU D 173 -4.01 -13.37 27.09
CA LEU D 173 -3.13 -14.51 26.72
C LEU D 173 -3.98 -15.78 26.57
N MET D 174 -4.83 -16.06 27.54
CA MET D 174 -5.64 -17.26 27.50
C MET D 174 -6.51 -17.34 26.25
N GLN D 175 -6.91 -16.19 25.70
CA GLN D 175 -7.78 -16.23 24.54
C GLN D 175 -7.14 -16.98 23.38
N MET D 176 -5.81 -16.97 23.29
CA MET D 176 -5.13 -17.69 22.22
C MET D 176 -5.58 -19.14 22.20
N ALA D 177 -5.67 -19.76 23.38
CA ALA D 177 -6.09 -21.15 23.45
C ALA D 177 -7.56 -21.31 23.03
N LYS D 178 -8.41 -20.37 23.43
CA LYS D 178 -9.81 -20.43 23.02
C LYS D 178 -9.94 -20.38 21.50
N THR D 179 -9.25 -19.43 20.88
CA THR D 179 -9.26 -19.33 19.43
C THR D 179 -8.71 -20.59 18.79
N SER D 180 -7.62 -21.13 19.33
CA SER D 180 -7.04 -22.34 18.78
C SER D 180 -8.03 -23.49 18.85
N ALA D 181 -8.72 -23.63 19.98
CA ALA D 181 -9.69 -24.70 20.12
C ALA D 181 -10.83 -24.55 19.11
N ALA D 182 -11.33 -23.33 18.94
CA ALA D 182 -12.40 -23.13 17.96
C ALA D 182 -11.91 -23.47 16.55
N LEU D 183 -10.71 -23.02 16.20
CA LEU D 183 -10.18 -23.28 14.87
C LEU D 183 -9.98 -24.77 14.65
N ALA D 184 -9.55 -25.50 15.68
CA ALA D 184 -9.44 -26.94 15.56
C ALA D 184 -10.81 -27.57 15.35
N LYS D 185 -11.80 -27.12 16.12
CA LYS D 185 -13.15 -27.66 15.99
C LYS D 185 -13.65 -27.48 14.57
N MET D 186 -13.27 -26.38 13.92
CA MET D 186 -13.75 -26.16 12.56
C MET D 186 -12.92 -26.94 11.54
N GLN D 187 -11.58 -26.97 11.70
CA GLN D 187 -10.76 -27.66 10.70
C GLN D 187 -11.14 -29.13 10.65
N GLU D 188 -11.42 -29.73 11.81
CA GLU D 188 -11.82 -31.14 11.81
C GLU D 188 -13.12 -31.35 11.06
N ARG D 189 -13.93 -30.30 10.89
CA ARG D 189 -15.19 -30.43 10.16
C ARG D 189 -14.99 -30.50 8.66
N GLY D 190 -13.99 -29.79 8.13
CA GLY D 190 -13.81 -29.64 6.69
C GLY D 190 -14.07 -28.25 6.17
N LEU D 191 -14.34 -27.29 7.04
CA LEU D 191 -14.56 -25.92 6.63
C LEU D 191 -13.24 -25.16 6.60
N PRO D 192 -12.77 -24.69 5.45
CA PRO D 192 -11.47 -24.01 5.42
C PRO D 192 -11.48 -22.70 6.19
N TYR D 193 -10.31 -22.33 6.69
CA TYR D 193 -10.13 -21.09 7.43
C TYR D 193 -8.86 -20.44 6.92
N ILE D 194 -9.08 -19.43 6.07
CA ILE D 194 -7.94 -18.74 5.44
C ILE D 194 -7.69 -17.45 6.24
N SER D 195 -6.47 -17.26 6.71
CA SER D 195 -6.11 -16.05 7.42
C SER D 195 -5.09 -15.28 6.63
N VAL D 196 -5.47 -14.02 6.33
CA VAL D 196 -4.62 -13.19 5.45
C VAL D 196 -3.85 -12.20 6.32
N LEU D 197 -2.54 -12.31 6.34
CA LEU D 197 -1.82 -11.44 7.29
C LEU D 197 -1.62 -10.05 6.70
N THR D 198 -1.77 -9.01 7.53
CA THR D 198 -1.53 -7.63 7.10
C THR D 198 -0.63 -7.02 8.13
N ASP D 199 0.24 -6.10 7.74
CA ASP D 199 1.04 -5.43 8.80
C ASP D 199 0.08 -4.65 9.69
N PRO D 200 0.30 -4.62 11.02
CA PRO D 200 1.32 -5.48 11.67
C PRO D 200 0.69 -6.77 12.18
N THR D 201 1.43 -7.88 12.11
CA THR D 201 0.94 -9.15 12.66
C THR D 201 2.02 -9.59 13.59
N MET D 202 1.89 -9.30 14.88
CA MET D 202 3.04 -9.63 15.75
C MET D 202 2.55 -10.18 17.10
N GLY D 203 3.48 -10.67 17.93
CA GLY D 203 3.16 -11.13 19.30
C GLY D 203 2.12 -12.23 19.38
N GLY D 204 1.16 -12.08 20.28
CA GLY D 204 0.18 -13.16 20.50
C GLY D 204 -0.67 -13.46 19.30
N VAL D 205 -1.15 -12.43 18.60
CA VAL D 205 -2.10 -12.70 17.47
C VAL D 205 -1.38 -13.52 16.40
N SER D 206 -0.12 -13.17 16.13
CA SER D 206 0.62 -13.88 15.06
C SER D 206 0.72 -15.35 15.44
N ALA D 207 1.03 -15.61 16.71
CA ALA D 207 1.27 -17.00 17.08
C ALA D 207 0.01 -17.75 17.48
N SER D 208 -1.17 -17.13 17.43
CA SER D 208 -2.40 -17.77 17.86
C SER D 208 -3.22 -18.31 16.70
N PHE D 209 -3.72 -17.42 15.83
CA PHE D 209 -4.52 -17.81 14.68
C PHE D 209 -4.07 -17.17 13.39
N ALA D 210 -3.14 -16.21 13.44
CA ALA D 210 -2.62 -15.62 12.22
C ALA D 210 -1.91 -16.68 11.38
N MET D 211 -1.14 -17.55 12.02
CA MET D 211 -0.34 -18.54 11.31
C MET D 211 -1.00 -19.90 11.25
N LEU D 212 -2.25 -20.02 11.69
CA LEU D 212 -2.86 -21.33 11.92
C LEU D 212 -3.81 -21.78 10.81
N GLY D 213 -4.35 -20.87 10.02
CA GLY D 213 -5.32 -21.27 9.02
C GLY D 213 -4.70 -22.14 7.95
N ASP D 214 -5.57 -22.78 7.17
CA ASP D 214 -5.08 -23.63 6.09
C ASP D 214 -4.07 -22.90 5.23
N LEU D 215 -4.38 -21.68 4.82
CA LEU D 215 -3.49 -20.85 4.04
C LEU D 215 -3.05 -19.66 4.88
N ASN D 216 -1.90 -19.10 4.53
CA ASN D 216 -1.34 -17.94 5.22
C ASN D 216 -0.87 -16.96 4.15
N ILE D 217 -1.73 -15.99 3.84
CA ILE D 217 -1.54 -15.09 2.72
C ILE D 217 -1.04 -13.75 3.26
N ALA D 218 0.21 -13.43 2.97
CA ALA D 218 0.84 -12.23 3.51
C ALA D 218 0.85 -11.15 2.44
N GLU D 219 0.16 -10.04 2.73
CA GLU D 219 0.15 -8.93 1.80
C GLU D 219 1.53 -8.28 1.73
N PRO D 220 1.98 -7.87 0.54
CA PRO D 220 3.38 -7.46 0.38
C PRO D 220 3.88 -6.51 1.45
N LYS D 221 5.20 -6.51 1.65
CA LYS D 221 5.88 -5.55 2.51
C LYS D 221 5.22 -5.42 3.88
N ALA D 222 4.50 -6.45 4.30
CA ALA D 222 3.87 -6.46 5.61
C ALA D 222 4.82 -6.99 6.66
N LEU D 223 4.71 -6.47 7.87
CA LEU D 223 5.57 -6.87 8.99
C LEU D 223 4.89 -8.02 9.73
N ILE D 224 5.46 -9.22 9.64
CA ILE D 224 4.93 -10.40 10.28
C ILE D 224 6.06 -11.06 11.08
N GLY D 225 5.71 -11.55 12.27
CA GLY D 225 6.70 -12.21 13.11
C GLY D 225 6.12 -12.56 14.45
N PHE D 226 7.00 -12.70 15.44
CA PHE D 226 6.58 -12.89 16.82
C PHE D 226 7.08 -11.79 17.75
N ALA D 227 8.38 -11.52 17.74
CA ALA D 227 8.98 -10.52 18.61
C ALA D 227 9.31 -9.27 17.81
N GLY D 228 8.94 -8.12 18.36
CA GLY D 228 9.15 -6.85 17.69
C GLY D 228 10.60 -6.65 17.34
N PRO D 229 10.87 -5.95 16.23
CA PRO D 229 12.26 -5.76 15.82
C PRO D 229 13.11 -5.04 16.86
N ARG D 230 12.53 -4.15 17.66
CA ARG D 230 13.31 -3.53 18.73
C ARG D 230 13.79 -4.56 19.75
N VAL D 231 12.90 -5.47 20.15
CA VAL D 231 13.26 -6.48 21.14
C VAL D 231 14.38 -7.36 20.61
N ILE D 232 14.26 -7.81 19.37
CA ILE D 232 15.30 -8.67 18.80
C ILE D 232 16.59 -7.88 18.64
N GLU D 233 16.50 -6.61 18.27
CA GLU D 233 17.69 -5.79 18.13
C GLU D 233 18.44 -5.68 19.44
N GLN D 234 17.73 -5.43 20.54
CA GLN D 234 18.39 -5.33 21.83
C GLN D 234 18.92 -6.69 22.29
N THR D 235 18.20 -7.77 22.00
CA THR D 235 18.63 -9.09 22.45
C THR D 235 19.88 -9.54 21.71
N VAL D 236 19.79 -9.68 20.38
CA VAL D 236 20.94 -10.10 19.60
C VAL D 236 22.00 -9.02 19.48
N ARG D 237 21.68 -7.79 19.87
CA ARG D 237 22.63 -6.68 19.88
C ARG D 237 23.44 -6.63 18.59
N GLU D 238 22.75 -6.80 17.47
CA GLU D 238 23.40 -6.89 16.17
C GLU D 238 22.49 -6.25 15.13
N LYS D 239 22.85 -6.42 13.85
CA LYS D 239 22.09 -5.89 12.74
C LYS D 239 21.19 -6.97 12.17
N LEU D 240 19.88 -6.74 12.20
CA LEU D 240 18.96 -7.73 11.66
C LEU D 240 19.12 -7.83 10.15
N PRO D 241 18.76 -8.97 9.56
CA PRO D 241 18.89 -9.10 8.12
C PRO D 241 17.95 -8.14 7.42
N PRO D 242 18.32 -7.68 6.22
CA PRO D 242 17.39 -6.84 5.45
C PRO D 242 16.11 -7.60 5.14
N GLY D 243 15.00 -6.86 5.08
CA GLY D 243 13.72 -7.48 4.85
C GLY D 243 13.21 -8.29 6.01
N PHE D 244 13.74 -8.05 7.21
CA PHE D 244 13.36 -8.84 8.36
C PHE D 244 11.86 -8.81 8.58
N GLN D 245 11.29 -9.99 8.80
CA GLN D 245 9.87 -10.11 9.12
C GLN D 245 8.99 -9.48 8.04
N ARG D 246 9.49 -9.51 6.79
CA ARG D 246 8.78 -8.97 5.64
C ARG D 246 8.17 -10.12 4.84
N SER D 247 6.94 -9.91 4.37
CA SER D 247 6.25 -10.97 3.64
C SER D 247 7.09 -11.47 2.47
N GLU D 248 7.79 -10.57 1.79
CA GLU D 248 8.70 -10.99 0.73
C GLU D 248 9.86 -11.80 1.29
N PHE D 249 10.05 -11.78 2.61
CA PHE D 249 11.10 -12.56 3.27
C PHE D 249 10.54 -13.81 3.95
N LEU D 250 9.32 -13.73 4.48
CA LEU D 250 8.72 -14.87 5.13
C LEU D 250 8.02 -15.80 4.14
N ILE D 251 7.95 -15.43 2.87
CA ILE D 251 7.66 -16.42 1.85
C ILE D 251 8.96 -17.11 1.41
N GLU D 252 10.07 -16.38 1.47
CA GLU D 252 11.37 -17.03 1.24
C GLU D 252 11.65 -18.07 2.31
N LYS D 253 11.30 -17.77 3.57
CA LYS D 253 11.54 -18.68 4.68
C LYS D 253 10.32 -19.50 5.04
N GLY D 254 9.54 -19.93 4.04
CA GLY D 254 8.62 -21.04 4.19
C GLY D 254 7.40 -20.78 5.03
N ALA D 255 7.39 -19.76 5.87
CA ALA D 255 6.25 -19.54 6.75
C ALA D 255 5.05 -18.93 6.04
N ILE D 256 5.20 -18.44 4.82
CA ILE D 256 4.17 -17.65 4.14
C ILE D 256 3.87 -18.26 2.78
N ASP D 257 2.60 -18.56 2.55
CA ASP D 257 2.18 -19.26 1.34
C ASP D 257 2.45 -18.45 0.07
N MET D 258 1.70 -17.36 -0.10
CA MET D 258 1.62 -16.63 -1.35
C MET D 258 1.41 -15.17 -1.02
N ILE D 259 2.04 -14.29 -1.79
CA ILE D 259 1.91 -12.86 -1.60
C ILE D 259 0.86 -12.35 -2.57
N VAL D 260 -0.23 -11.81 -2.02
CA VAL D 260 -1.35 -11.30 -2.80
C VAL D 260 -1.47 -9.80 -2.57
N ARG D 261 -1.56 -9.04 -3.64
CA ARG D 261 -1.86 -7.62 -3.55
C ARG D 261 -3.36 -7.42 -3.33
N ARG D 262 -3.69 -6.32 -2.65
CA ARG D 262 -5.07 -6.13 -2.20
C ARG D 262 -6.08 -6.19 -3.34
N PRO D 263 -5.85 -5.57 -4.50
CA PRO D 263 -6.91 -5.58 -5.52
C PRO D 263 -7.36 -6.97 -5.92
N GLU D 264 -6.45 -7.94 -6.03
CA GLU D 264 -6.88 -9.29 -6.40
C GLU D 264 -7.59 -9.99 -5.26
N MET D 265 -7.18 -9.66 -4.03
CA MET D 265 -7.66 -10.37 -2.81
C MET D 265 -9.06 -10.98 -2.95
N ARG D 266 -10.06 -10.17 -3.28
CA ARG D 266 -11.43 -10.76 -3.24
C ARG D 266 -11.55 -11.90 -4.26
N LEU D 267 -11.04 -11.71 -5.46
CA LEU D 267 -11.05 -12.82 -6.46
C LEU D 267 -10.16 -13.95 -5.93
N LYS D 268 -9.00 -13.62 -5.36
CA LYS D 268 -8.05 -14.67 -4.94
C LYS D 268 -8.72 -15.55 -3.87
N LEU D 269 -9.41 -14.91 -2.94
CA LEU D 269 -10.13 -15.69 -1.91
C LEU D 269 -11.29 -16.40 -2.60
N ALA D 270 -11.97 -15.71 -3.51
CA ALA D 270 -13.17 -16.32 -4.07
C ALA D 270 -12.81 -17.57 -4.86
N SER D 271 -11.78 -17.49 -5.69
CA SER D 271 -11.37 -18.64 -6.49
C SER D 271 -10.89 -19.77 -5.60
N ILE D 272 -10.03 -19.46 -4.62
CA ILE D 272 -9.46 -20.53 -3.79
C ILE D 272 -10.56 -21.22 -2.99
N LEU D 273 -11.47 -20.45 -2.40
CA LEU D 273 -12.53 -21.06 -1.60
C LEU D 273 -13.52 -21.82 -2.48
N ALA D 274 -13.85 -21.28 -3.66
CA ALA D 274 -14.73 -22.01 -4.56
C ALA D 274 -14.10 -23.32 -5.00
N LYS D 275 -12.76 -23.36 -5.06
CA LYS D 275 -12.08 -24.62 -5.32
C LYS D 275 -12.19 -25.56 -4.13
N LEU D 276 -11.72 -25.10 -2.96
CA LEU D 276 -11.63 -25.99 -1.81
C LEU D 276 -13.00 -26.51 -1.40
N MET D 277 -13.95 -25.61 -1.18
CA MET D 277 -15.32 -26.06 -0.93
C MET D 277 -15.86 -26.90 -2.08
N ASN D 278 -15.16 -26.96 -3.21
CA ASN D 278 -15.51 -27.78 -4.36
C ASN D 278 -16.68 -27.21 -5.15
N LEU D 279 -16.86 -25.88 -5.09
CA LEU D 279 -17.94 -25.19 -5.78
C LEU D 279 -17.50 -24.74 -7.16
N PRO D 280 -18.45 -24.47 -8.06
CA PRO D 280 -18.09 -24.02 -9.41
C PRO D 280 -17.38 -22.68 -9.38
N ALA D 281 -16.50 -22.48 -10.35
CA ALA D 281 -15.61 -21.34 -10.33
C ALA D 281 -16.41 -20.04 -10.40
N PRO D 282 -15.92 -18.97 -9.74
CA PRO D 282 -16.64 -17.70 -9.80
C PRO D 282 -16.57 -17.08 -11.19
N ASN D 283 -17.57 -16.26 -11.50
CA ASN D 283 -17.66 -15.57 -12.78
C ASN D 283 -17.17 -14.16 -12.61
N PRO D 284 -16.04 -13.76 -13.23
CA PRO D 284 -15.34 -12.48 -13.13
C PRO D 284 -16.26 -11.30 -12.82
C11 BTN E . -6.94 27.06 3.65
O11 BTN E . -7.68 27.84 4.32
C10 BTN E . -5.91 27.76 2.76
C9 BTN E . -4.96 28.68 3.46
C8 BTN E . -3.92 27.98 4.32
C7 BTN E . -4.25 27.94 5.82
C2 BTN E . -3.13 27.40 6.68
S1 BTN E . -3.55 27.45 8.46
C6 BTN E . -1.84 26.91 8.68
C5 BTN E . -0.99 27.86 7.84
N1 BTN E . -0.80 29.15 8.46
C3 BTN E . -1.31 30.16 7.71
O3 BTN E . -1.19 31.37 7.94
N2 BTN E . -1.98 29.63 6.67
C4 BTN E . -1.80 28.20 6.57
PB ADP F . -4.15 7.20 -32.51
O1B ADP F . -2.78 6.63 -32.33
O2B ADP F . -4.94 7.20 -31.22
O3B ADP F . -4.16 8.48 -33.34
PA ADP F . -6.18 6.25 -34.34
O1A ADP F . -7.19 5.23 -33.89
O2A ADP F . -6.64 7.68 -34.49
O3A ADP F . -4.90 6.07 -33.38
O5' ADP F . -5.56 5.78 -35.74
C5' ADP F . -4.47 6.51 -36.29
C4' ADP F . -4.29 6.14 -37.75
O4' ADP F . -4.07 4.73 -37.85
C3' ADP F . -5.52 6.42 -38.60
O3' ADP F . -5.51 7.75 -39.10
C2' ADP F . -5.36 5.40 -39.70
O2' ADP F . -4.47 5.89 -40.73
C1' ADP F . -4.73 4.21 -39.00
N9 ADP F . -5.87 3.32 -38.63
C8 ADP F . -6.50 3.28 -37.45
N7 ADP F . -7.51 2.40 -37.44
C5 ADP F . -7.56 1.86 -38.66
C6 ADP F . -8.41 0.86 -39.34
N6 ADP F . -9.43 0.26 -38.68
N1 ADP F . -8.13 0.58 -40.63
C2 ADP F . -7.11 1.18 -41.29
N3 ADP F . -6.30 2.10 -40.73
C4 ADP F . -6.48 2.48 -39.44
MG MG G . -6.14 9.55 -34.02
ZN ZN H . 3.42 5.77 -2.48
N1A ACO I . -0.80 -3.49 24.33
C2A ACO I . -1.08 -2.19 24.50
N3A ACO I . -0.96 -1.20 23.62
C4A ACO I . -0.49 -1.63 22.45
C5A ACO I . -0.15 -2.94 22.13
C6A ACO I . -0.31 -3.90 23.14
N6A ACO I . -0.03 -5.20 22.98
N7A ACO I . 0.31 -3.01 20.83
C8A ACO I . 0.24 -1.78 20.39
N9A ACO I . -0.24 -0.89 21.33
C1B ACO I . -0.43 0.55 21.14
C2B ACO I . 0.85 1.37 21.29
O2B ACO I . 1.06 1.71 22.66
C3B ACO I . 0.47 2.60 20.47
O3B ACO I . -0.24 3.56 21.29
P3B ACO I . 0.09 5.09 21.23
O7A ACO I . 1.30 5.33 22.07
O8A ACO I . 0.31 5.45 19.76
O9A ACO I . -1.15 5.84 21.73
C4B ACO I . -0.46 2.07 19.39
O4B ACO I . -0.89 0.77 19.83
C5B ACO I . 0.15 1.95 18.01
O5B ACO I . 1.08 0.85 18.02
P1A ACO I . 2.63 1.09 17.79
O1A ACO I . 3.42 0.15 18.62
O2A ACO I . 2.93 2.57 18.00
O3A ACO I . 2.80 0.78 16.24
P2A ACO I . 3.99 0.75 15.19
O4A ACO I . 3.66 1.49 13.96
O5A ACO I . 5.24 1.27 15.92
O6A ACO I . 4.16 -0.79 14.92
CBP ACO I . 5.37 -2.66 15.85
CCP ACO I . 5.42 -1.20 15.46
CDP ACO I . 6.79 -3.21 15.91
CEP ACO I . 4.56 -3.43 14.79
CAP ACO I . 4.66 -2.81 17.24
OAP ACO I . 3.53 -3.66 17.24
C9P ACO I . 5.59 -3.09 18.43
O9P ACO I . 6.00 -2.14 19.08
N8P ACO I . 5.90 -4.36 18.73
C7P ACO I . 5.45 -5.54 18.00
C6P ACO I . 5.27 -6.73 18.93
C5P ACO I . 5.35 -6.33 20.38
O5P ACO I . 6.37 -6.52 21.03
N4P ACO I . 4.26 -5.75 20.88
C3P ACO I . 4.17 -5.29 22.26
C2P ACO I . 4.19 -6.42 23.27
S1P ACO I . 2.51 -7.09 23.51
C ACO I . 2.84 -8.82 23.56
O ACO I . 2.20 -9.62 22.95
CH3 ACO I . 4.01 -9.16 24.44
#